data_8ZQG
#
_entry.id   8ZQG
#
_cell.length_a   182.663
_cell.length_b   182.663
_cell.length_c   54.340
_cell.angle_alpha   90.000
_cell.angle_beta   90.000
_cell.angle_gamma   120.000
#
_symmetry.space_group_name_H-M   'P 63'
#
loop_
_entity.id
_entity.type
_entity.pdbx_description
1 polymer 'WD repeat domain phosphoinositide-interacting protein 3'
2 polymer 'Autophagy-related protein 16-1'
3 water water
#
loop_
_entity_poly.entity_id
_entity_poly.type
_entity_poly.pdbx_seq_one_letter_code
_entity_poly.pdbx_strand_id
1 'polypeptide(L)'
;GPGSPHGNGLLYAGFNQDHGCFACGMENGFRVYNTDPLKEKEKQEFLEGGVGHVEMLFRCNYLALVGGGKKPKYPPNKVM
IWDDLKKKTVIEIEFSTEVKAVKLRRDRIVVVLDSMIKVFTFTHNPHQLHVFETCYNPKGLCVLCPNSNNSLLAFPGTHT
GHVQLVDLASTEKPPVDIPAHEGVLSCIALNLQGTRIATASEKGTLIRIFDTSSGHLIQELRRGSQAANIYCINFNQDAS
LICVSSDHGTVHIFAAEDPKSKWSFSKFQVPSGSPCICAFGTEPNAVIAICADGSYYKFLFNPKGECIRDVYAQFLEMTD
DKL
;
B,A
2 'polypeptide(L)' GPGSMQMNEAKIAECLQTISDLETECLDLRTKLCDLERANQTLKDEYDALQITFTALEGKLRKTTEENQ C,D
#
# COMPACT_ATOMS: atom_id res chain seq x y z
N GLY A 9 2.50 -35.06 -3.05
CA GLY A 9 1.89 -35.26 -4.36
C GLY A 9 1.73 -33.94 -5.06
N LEU A 10 2.43 -33.76 -6.18
CA LEU A 10 2.30 -32.55 -7.00
C LEU A 10 0.95 -32.53 -7.72
N LEU A 11 0.23 -31.41 -7.59
CA LEU A 11 -1.05 -31.24 -8.26
C LEU A 11 -1.07 -30.19 -9.37
N TYR A 12 -0.19 -29.19 -9.33
CA TYR A 12 -0.20 -28.13 -10.32
C TYR A 12 1.19 -27.52 -10.40
N ALA A 13 1.58 -27.10 -11.60
CA ALA A 13 2.77 -26.28 -11.78
C ALA A 13 2.55 -25.19 -12.82
N GLY A 14 2.97 -23.96 -12.52
CA GLY A 14 2.83 -22.88 -13.48
C GLY A 14 3.89 -21.80 -13.32
N PHE A 15 4.42 -21.31 -14.45
CA PHE A 15 5.31 -20.15 -14.43
C PHE A 15 4.53 -18.86 -14.11
N ASN A 16 5.23 -17.92 -13.46
CA ASN A 16 4.76 -16.54 -13.39
C ASN A 16 4.96 -15.84 -14.74
N GLN A 17 4.50 -14.58 -14.78
CA GLN A 17 4.39 -13.81 -16.01
C GLN A 17 5.71 -13.66 -16.75
N ASP A 18 6.85 -13.65 -16.03
CA ASP A 18 8.13 -13.49 -16.69
C ASP A 18 8.96 -14.77 -16.67
N HIS A 19 8.34 -15.88 -16.23
CA HIS A 19 8.99 -17.18 -16.05
C HIS A 19 10.11 -17.17 -15.02
N GLY A 20 10.31 -16.06 -14.32
CA GLY A 20 11.34 -15.97 -13.31
C GLY A 20 11.05 -16.84 -12.10
N CYS A 21 9.77 -17.18 -11.88
CA CYS A 21 9.37 -18.10 -10.83
C CYS A 21 8.42 -19.14 -11.39
N PHE A 22 8.27 -20.26 -10.67
CA PHE A 22 7.14 -21.15 -10.86
C PHE A 22 6.54 -21.53 -9.52
N ALA A 23 5.22 -21.70 -9.50
CA ALA A 23 4.47 -22.09 -8.33
C ALA A 23 3.87 -23.49 -8.49
N CYS A 24 3.81 -24.21 -7.37
CA CYS A 24 3.31 -25.58 -7.30
C CYS A 24 2.15 -25.65 -6.31
N GLY A 25 0.99 -26.12 -6.79
CA GLY A 25 -0.08 -26.54 -5.89
C GLY A 25 0.17 -27.96 -5.42
N MET A 26 0.02 -28.18 -4.12
CA MET A 26 0.33 -29.45 -3.48
C MET A 26 -0.91 -29.96 -2.75
N GLU A 27 -0.92 -31.26 -2.49
CA GLU A 27 -1.95 -31.87 -1.66
C GLU A 27 -1.96 -31.31 -0.23
N ASN A 28 -0.89 -30.65 0.17
CA ASN A 28 -0.79 -30.14 1.53
C ASN A 28 -0.40 -28.66 1.55
N GLY A 29 -0.75 -27.95 0.48
CA GLY A 29 -0.48 -26.50 0.46
C GLY A 29 0.10 -26.03 -0.86
N PHE A 30 0.99 -25.05 -0.82
CA PHE A 30 1.54 -24.47 -2.06
C PHE A 30 3.03 -24.18 -1.87
N ARG A 31 3.76 -24.03 -2.97
CA ARG A 31 5.15 -23.70 -2.89
C ARG A 31 5.51 -22.77 -4.02
N VAL A 32 6.46 -21.87 -3.80
CA VAL A 32 6.92 -21.02 -4.89
C VAL A 32 8.41 -21.16 -5.07
N TYR A 33 8.85 -21.25 -6.31
CA TYR A 33 10.26 -21.47 -6.58
C TYR A 33 10.81 -20.50 -7.58
N ASN A 34 12.08 -20.18 -7.48
CA ASN A 34 12.71 -19.34 -8.47
C ASN A 34 13.12 -20.27 -9.56
N THR A 35 12.87 -19.90 -10.79
CA THR A 35 13.14 -20.80 -11.88
C THR A 35 14.60 -20.99 -12.19
N ASP A 36 15.36 -19.90 -12.26
CA ASP A 36 16.77 -20.00 -12.65
C ASP A 36 17.62 -18.90 -12.01
N PRO A 37 18.57 -19.27 -11.14
CA PRO A 37 18.79 -20.62 -10.60
C PRO A 37 17.64 -21.13 -9.74
N LEU A 38 17.38 -22.44 -9.78
CA LEU A 38 16.35 -23.06 -8.96
C LEU A 38 16.63 -22.87 -7.47
N LYS A 39 15.67 -22.28 -6.76
CA LYS A 39 15.74 -22.12 -5.32
C LYS A 39 14.33 -22.05 -4.77
N GLU A 40 14.07 -22.83 -3.73
CA GLU A 40 12.80 -22.70 -3.03
C GLU A 40 12.70 -21.35 -2.35
N LYS A 41 11.62 -20.64 -2.67
CA LYS A 41 11.37 -19.27 -2.22
C LYS A 41 10.36 -19.25 -1.08
N GLU A 42 9.28 -20.02 -1.17
CA GLU A 42 8.24 -20.07 -0.14
C GLU A 42 7.65 -21.46 -0.01
N LYS A 43 7.27 -21.82 1.23
CA LYS A 43 6.55 -23.04 1.56
C LYS A 43 5.44 -22.73 2.56
N GLN A 44 4.20 -22.98 2.16
CA GLN A 44 3.05 -22.80 3.03
C GLN A 44 2.39 -24.16 3.24
N GLU A 45 2.33 -24.61 4.49
CA GLU A 45 1.65 -25.86 4.80
C GLU A 45 0.22 -25.65 5.27
N PHE A 46 -0.67 -26.52 4.78
CA PHE A 46 -2.06 -26.61 5.24
C PHE A 46 -2.31 -28.04 5.65
N LEU A 47 -2.64 -28.27 6.91
CA LEU A 47 -2.97 -29.63 7.31
C LEU A 47 -4.27 -30.10 6.69
N GLU A 48 -5.12 -29.16 6.27
CA GLU A 48 -6.48 -29.51 5.92
C GLU A 48 -6.65 -29.87 4.45
N GLY A 49 -5.69 -29.56 3.60
CA GLY A 49 -5.84 -29.99 2.23
C GLY A 49 -5.06 -29.19 1.20
N GLY A 50 -5.34 -29.58 -0.07
CA GLY A 50 -4.61 -29.11 -1.23
C GLY A 50 -5.11 -27.90 -1.97
N VAL A 51 -4.17 -27.35 -2.73
CA VAL A 51 -4.36 -26.26 -3.67
C VAL A 51 -4.11 -26.77 -5.08
N GLY A 52 -5.12 -26.68 -5.95
CA GLY A 52 -5.05 -27.20 -7.31
C GLY A 52 -4.65 -26.16 -8.38
N HIS A 53 -4.64 -24.88 -8.02
CA HIS A 53 -4.18 -23.80 -8.90
C HIS A 53 -3.52 -22.70 -8.10
N VAL A 54 -2.40 -22.20 -8.59
CA VAL A 54 -1.69 -21.09 -7.96
C VAL A 54 -1.33 -20.10 -9.06
N GLU A 55 -1.88 -18.89 -9.00
CA GLU A 55 -1.52 -17.81 -9.93
C GLU A 55 -0.79 -16.70 -9.20
N MET A 56 0.45 -16.47 -9.60
CA MET A 56 1.24 -15.37 -9.09
C MET A 56 0.86 -14.05 -9.75
N LEU A 57 1.02 -12.94 -9.03
CA LEU A 57 1.09 -11.64 -9.70
C LEU A 57 2.57 -11.24 -9.75
N PHE A 58 3.28 -11.59 -10.84
CA PHE A 58 4.73 -11.37 -10.87
C PHE A 58 5.48 -11.88 -9.64
N ARG A 59 6.09 -10.94 -8.92
CA ARG A 59 6.76 -11.17 -7.65
C ARG A 59 6.10 -10.38 -6.52
N CYS A 60 4.80 -10.11 -6.64
CA CYS A 60 4.03 -9.44 -5.59
C CYS A 60 3.63 -10.41 -4.49
N ASN A 61 3.08 -9.85 -3.40
CA ASN A 61 2.58 -10.60 -2.26
C ASN A 61 1.24 -11.26 -2.47
N TYR A 62 0.59 -11.08 -3.61
CA TYR A 62 -0.69 -11.69 -3.91
C TYR A 62 -0.56 -12.99 -4.68
N LEU A 63 -1.26 -14.02 -4.23
CA LEU A 63 -1.40 -15.27 -4.96
C LEU A 63 -2.88 -15.57 -5.07
N ALA A 64 -3.30 -16.06 -6.22
CA ALA A 64 -4.61 -16.68 -6.35
C ALA A 64 -4.54 -18.18 -6.10
N LEU A 65 -5.40 -18.66 -5.19
CA LEU A 65 -5.46 -20.07 -4.82
C LEU A 65 -6.83 -20.62 -5.19
N VAL A 66 -6.83 -21.83 -5.75
CA VAL A 66 -8.03 -22.63 -5.90
C VAL A 66 -7.83 -23.97 -5.20
N GLY A 67 -8.81 -24.36 -4.38
CA GLY A 67 -8.71 -25.65 -3.71
C GLY A 67 -8.77 -26.79 -4.71
N GLY A 68 -8.01 -27.85 -4.43
CA GLY A 68 -8.03 -29.03 -5.27
C GLY A 68 -7.41 -30.20 -4.54
N GLY A 69 -7.30 -31.32 -5.25
CA GLY A 69 -6.87 -32.57 -4.64
C GLY A 69 -7.99 -33.40 -4.06
N LYS A 70 -7.58 -34.49 -3.39
CA LYS A 70 -8.56 -35.39 -2.76
C LYS A 70 -9.30 -34.71 -1.62
N LYS A 71 -8.61 -33.80 -0.94
CA LYS A 71 -9.19 -33.02 0.15
C LYS A 71 -8.78 -31.58 -0.06
N PRO A 72 -9.57 -30.81 -0.80
CA PRO A 72 -9.16 -29.44 -1.13
C PRO A 72 -9.29 -28.53 0.09
N LYS A 73 -8.30 -27.63 0.25
CA LYS A 73 -8.33 -26.67 1.35
C LYS A 73 -9.51 -25.72 1.22
N TYR A 74 -9.91 -25.40 0.00
CA TYR A 74 -11.02 -24.51 -0.24
C TYR A 74 -11.98 -25.23 -1.19
N PRO A 75 -13.26 -24.91 -1.14
CA PRO A 75 -14.18 -25.43 -2.17
C PRO A 75 -13.71 -25.07 -3.56
N PRO A 76 -13.79 -26.03 -4.50
CA PRO A 76 -13.28 -25.78 -5.85
C PRO A 76 -14.07 -24.76 -6.65
N ASN A 77 -15.23 -24.32 -6.17
CA ASN A 77 -15.98 -23.23 -6.80
C ASN A 77 -15.64 -21.83 -6.24
N LYS A 78 -14.60 -21.72 -5.41
CA LYS A 78 -14.13 -20.46 -4.84
C LYS A 78 -12.73 -20.12 -5.31
N VAL A 79 -12.52 -18.82 -5.58
CA VAL A 79 -11.19 -18.23 -5.77
C VAL A 79 -10.77 -17.52 -4.48
N MET A 80 -9.60 -17.88 -3.96
CA MET A 80 -9.00 -17.25 -2.78
C MET A 80 -7.79 -16.42 -3.18
N ILE A 81 -7.82 -15.12 -2.86
CA ILE A 81 -6.61 -14.29 -2.98
C ILE A 81 -5.85 -14.40 -1.66
N TRP A 82 -4.64 -14.97 -1.75
CA TRP A 82 -3.71 -15.09 -0.64
C TRP A 82 -2.84 -13.84 -0.57
N ASP A 83 -2.73 -13.27 0.63
CA ASP A 83 -1.75 -12.22 0.94
C ASP A 83 -0.58 -12.88 1.63
N ASP A 84 0.51 -13.02 0.89
CA ASP A 84 1.65 -13.76 1.38
C ASP A 84 2.45 -13.03 2.47
N LEU A 85 2.37 -11.70 2.53
CA LEU A 85 2.97 -11.01 3.67
C LEU A 85 2.19 -11.24 4.96
N LYS A 86 0.86 -11.33 4.87
CA LYS A 86 0.02 -11.56 6.04
C LYS A 86 -0.27 -13.05 6.27
N LYS A 87 0.16 -13.91 5.37
CA LYS A 87 -0.14 -15.34 5.42
C LYS A 87 -1.62 -15.64 5.71
N LYS A 88 -2.51 -14.96 4.97
CA LYS A 88 -3.94 -15.23 5.12
C LYS A 88 -4.62 -14.89 3.80
N THR A 89 -5.80 -15.47 3.61
CA THR A 89 -6.68 -15.03 2.53
C THR A 89 -7.29 -13.67 2.83
N VAL A 90 -7.33 -12.80 1.82
CA VAL A 90 -7.86 -11.45 2.01
C VAL A 90 -9.09 -11.17 1.15
N ILE A 91 -9.30 -11.92 0.06
CA ILE A 91 -10.48 -11.76 -0.78
C ILE A 91 -10.98 -13.15 -1.13
N GLU A 92 -12.30 -13.32 -1.16
CA GLU A 92 -13.00 -14.52 -1.57
C GLU A 92 -14.06 -14.24 -2.63
N ILE A 93 -14.06 -15.03 -3.69
CA ILE A 93 -15.09 -14.97 -4.72
C ILE A 93 -15.65 -16.36 -4.91
N GLU A 94 -16.97 -16.49 -4.78
CA GLU A 94 -17.65 -17.78 -4.89
C GLU A 94 -18.42 -17.84 -6.20
N PHE A 95 -18.40 -19.01 -6.82
CA PHE A 95 -19.06 -19.24 -8.10
C PHE A 95 -20.00 -20.43 -8.03
N SER A 96 -20.91 -20.45 -8.99
CA SER A 96 -21.85 -21.55 -9.13
C SER A 96 -21.18 -22.79 -9.75
N THR A 97 -20.01 -22.63 -10.38
CA THR A 97 -19.29 -23.73 -10.99
C THR A 97 -17.84 -23.78 -10.51
N GLU A 98 -17.17 -24.92 -10.73
CA GLU A 98 -15.74 -25.05 -10.44
C GLU A 98 -14.86 -24.07 -11.21
N VAL A 99 -13.83 -23.57 -10.52
CA VAL A 99 -12.80 -22.73 -11.12
C VAL A 99 -11.73 -23.58 -11.80
N LYS A 100 -11.46 -23.29 -13.07
CA LYS A 100 -10.43 -24.06 -13.76
C LYS A 100 -9.06 -23.38 -13.73
N ALA A 101 -9.00 -22.04 -13.75
CA ALA A 101 -7.77 -21.29 -13.58
C ALA A 101 -8.09 -19.86 -13.14
N VAL A 102 -7.08 -19.18 -12.60
CA VAL A 102 -7.16 -17.75 -12.31
C VAL A 102 -5.98 -17.03 -12.97
N LYS A 103 -6.23 -15.82 -13.48
CA LYS A 103 -5.19 -14.95 -14.00
C LYS A 103 -5.31 -13.59 -13.32
N LEU A 104 -4.19 -13.05 -12.86
CA LEU A 104 -4.16 -11.79 -12.13
C LEU A 104 -3.42 -10.67 -12.87
N ARG A 105 -3.99 -9.48 -12.86
CA ARG A 105 -3.22 -8.24 -13.07
C ARG A 105 -3.46 -7.40 -11.82
N ARG A 106 -2.73 -6.29 -11.68
CA ARG A 106 -2.93 -5.44 -10.51
C ARG A 106 -4.35 -4.90 -10.32
N ASP A 107 -5.15 -4.78 -11.34
CA ASP A 107 -6.44 -4.10 -11.22
C ASP A 107 -7.62 -5.02 -11.54
N ARG A 108 -7.36 -6.26 -11.97
CA ARG A 108 -8.36 -7.19 -12.44
C ARG A 108 -8.01 -8.57 -11.88
N ILE A 109 -9.04 -9.29 -11.45
CA ILE A 109 -9.01 -10.74 -11.26
C ILE A 109 -9.79 -11.37 -12.39
N VAL A 110 -9.14 -12.27 -13.12
CA VAL A 110 -9.77 -13.01 -14.19
C VAL A 110 -9.87 -14.47 -13.79
N VAL A 111 -11.10 -14.99 -13.83
CA VAL A 111 -11.39 -16.35 -13.41
C VAL A 111 -11.86 -17.12 -14.63
N VAL A 112 -11.23 -18.26 -14.85
CA VAL A 112 -11.53 -19.12 -15.98
C VAL A 112 -12.37 -20.25 -15.46
N LEU A 113 -13.52 -20.43 -16.07
CA LEU A 113 -14.33 -21.58 -15.75
C LEU A 113 -14.35 -22.51 -16.94
N ASP A 114 -15.05 -23.62 -16.79
CA ASP A 114 -15.05 -24.62 -17.85
C ASP A 114 -15.68 -24.06 -19.13
N SER A 115 -16.58 -23.06 -19.00
CA SER A 115 -17.24 -22.58 -20.20
C SER A 115 -17.50 -21.08 -20.28
N MET A 116 -16.89 -20.28 -19.41
CA MET A 116 -17.06 -18.84 -19.51
C MET A 116 -15.87 -18.20 -18.80
N ILE A 117 -15.59 -16.94 -19.14
CA ILE A 117 -14.59 -16.17 -18.39
C ILE A 117 -15.25 -14.92 -17.82
N LYS A 118 -15.03 -14.70 -16.53
CA LYS A 118 -15.53 -13.55 -15.79
C LYS A 118 -14.37 -12.67 -15.32
N VAL A 119 -14.51 -11.36 -15.51
CA VAL A 119 -13.49 -10.39 -15.13
C VAL A 119 -14.04 -9.58 -13.95
N PHE A 120 -13.24 -9.47 -12.91
CA PHE A 120 -13.62 -8.74 -11.70
C PHE A 120 -12.62 -7.65 -11.34
N THR A 121 -13.13 -6.68 -10.59
CA THR A 121 -12.27 -5.74 -9.88
C THR A 121 -11.44 -6.50 -8.85
N PHE A 122 -10.20 -6.04 -8.66
CA PHE A 122 -9.36 -6.56 -7.58
C PHE A 122 -9.61 -5.70 -6.33
N THR A 123 -10.76 -5.97 -5.69
CA THR A 123 -11.25 -5.26 -4.50
C THR A 123 -11.73 -6.25 -3.44
N HIS A 124 -11.90 -5.76 -2.20
CA HIS A 124 -12.40 -6.63 -1.13
C HIS A 124 -13.76 -7.24 -1.46
N ASN A 125 -14.60 -6.54 -2.20
CA ASN A 125 -15.80 -7.10 -2.81
C ASN A 125 -15.62 -6.98 -4.31
N PRO A 126 -15.16 -8.02 -4.98
CA PRO A 126 -14.94 -7.94 -6.43
C PRO A 126 -16.26 -7.74 -7.13
N HIS A 127 -16.26 -6.83 -8.10
CA HIS A 127 -17.42 -6.62 -8.93
C HIS A 127 -17.15 -7.23 -10.28
N GLN A 128 -18.13 -7.98 -10.77
CA GLN A 128 -18.08 -8.53 -12.11
C GLN A 128 -18.21 -7.40 -13.11
N LEU A 129 -17.23 -7.29 -14.02
CA LEU A 129 -17.15 -6.28 -15.07
C LEU A 129 -17.62 -6.83 -16.40
N HIS A 130 -17.14 -8.01 -16.77
CA HIS A 130 -17.40 -8.59 -18.07
C HIS A 130 -17.62 -10.08 -17.91
N VAL A 131 -18.39 -10.65 -18.84
CA VAL A 131 -18.49 -12.09 -18.99
C VAL A 131 -18.28 -12.41 -20.45
N PHE A 132 -17.37 -13.33 -20.73
CA PHE A 132 -17.16 -13.79 -22.09
C PHE A 132 -17.50 -15.29 -22.13
N GLU A 133 -18.32 -15.69 -23.08
CA GLU A 133 -18.59 -17.11 -23.29
C GLU A 133 -17.45 -17.79 -24.03
N THR A 134 -17.18 -19.04 -23.66
CA THR A 134 -16.21 -19.88 -24.34
C THR A 134 -16.87 -21.21 -24.67
N CYS A 135 -16.28 -21.94 -25.61
CA CYS A 135 -16.49 -23.37 -25.71
C CYS A 135 -16.02 -24.08 -24.44
N TYR A 136 -16.29 -25.39 -24.41
CA TYR A 136 -15.85 -26.25 -23.32
C TYR A 136 -14.35 -26.15 -23.14
N ASN A 137 -13.93 -25.66 -21.98
CA ASN A 137 -12.54 -25.28 -21.73
C ASN A 137 -12.00 -26.02 -20.51
N PRO A 138 -11.94 -27.35 -20.56
CA PRO A 138 -11.53 -28.09 -19.35
C PRO A 138 -10.07 -27.83 -18.98
N LYS A 139 -9.23 -27.42 -19.93
CA LYS A 139 -7.85 -27.11 -19.60
C LYS A 139 -7.67 -25.72 -19.01
N GLY A 140 -8.72 -24.91 -18.96
CA GLY A 140 -8.62 -23.55 -18.49
C GLY A 140 -7.73 -22.65 -19.32
N LEU A 141 -7.73 -22.85 -20.64
CA LEU A 141 -6.89 -22.07 -21.54
C LEU A 141 -7.31 -20.61 -21.50
N CYS A 142 -6.38 -19.76 -21.05
CA CYS A 142 -6.62 -18.33 -20.99
C CYS A 142 -5.30 -17.61 -20.74
N VAL A 143 -4.98 -16.55 -21.48
CA VAL A 143 -3.81 -15.76 -21.15
C VAL A 143 -4.19 -14.28 -21.02
N LEU A 144 -3.60 -13.62 -20.03
CA LEU A 144 -3.92 -12.23 -19.72
C LEU A 144 -2.64 -11.41 -19.67
N CYS A 145 -2.54 -10.35 -20.47
CA CYS A 145 -1.28 -9.62 -20.46
C CYS A 145 -1.07 -8.97 -19.09
N PRO A 146 0.05 -9.21 -18.41
CA PRO A 146 0.28 -8.58 -17.09
C PRO A 146 0.74 -7.11 -17.13
N ASN A 147 1.22 -6.63 -18.27
CA ASN A 147 1.70 -5.25 -18.45
C ASN A 147 0.65 -4.17 -18.19
N SER A 148 1.08 -3.11 -17.50
CA SER A 148 0.21 -1.99 -17.17
C SER A 148 -0.32 -1.28 -18.39
N ASN A 149 0.43 -1.26 -19.48
CA ASN A 149 -0.04 -0.55 -20.66
C ASN A 149 -0.72 -1.47 -21.67
N ASN A 150 -0.77 -2.79 -21.42
CA ASN A 150 -1.46 -3.76 -22.29
C ASN A 150 -2.38 -4.70 -21.51
N SER A 151 -3.70 -4.53 -21.64
CA SER A 151 -4.71 -5.35 -20.96
C SER A 151 -5.24 -6.51 -21.81
N LEU A 152 -4.49 -7.01 -22.77
CA LEU A 152 -4.99 -8.09 -23.63
C LEU A 152 -5.38 -9.37 -22.88
N LEU A 153 -6.64 -9.77 -23.06
CA LEU A 153 -7.18 -11.05 -22.65
C LEU A 153 -7.44 -11.91 -23.89
N ALA A 154 -6.94 -13.14 -23.90
CA ALA A 154 -7.12 -14.08 -25.00
C ALA A 154 -7.61 -15.44 -24.50
N PHE A 155 -8.60 -16.03 -25.18
CA PHE A 155 -9.19 -17.28 -24.70
C PHE A 155 -9.87 -17.99 -25.88
N PRO A 156 -10.20 -19.28 -25.73
CA PRO A 156 -10.99 -20.01 -26.74
C PRO A 156 -12.36 -19.42 -27.04
N GLY A 157 -12.63 -19.13 -28.31
CA GLY A 157 -13.96 -18.67 -28.66
C GLY A 157 -15.02 -19.76 -28.56
N THR A 158 -16.25 -19.39 -28.91
CA THR A 158 -17.35 -20.35 -28.94
C THR A 158 -17.27 -21.32 -30.11
N HIS A 159 -16.58 -20.96 -31.19
CA HIS A 159 -16.36 -21.85 -32.32
C HIS A 159 -15.07 -22.62 -32.15
N THR A 160 -15.13 -23.89 -32.51
CA THR A 160 -14.01 -24.81 -32.43
C THR A 160 -12.82 -24.23 -33.18
N GLY A 161 -11.66 -24.21 -32.52
CA GLY A 161 -10.42 -23.77 -33.12
C GLY A 161 -10.23 -22.26 -33.19
N HIS A 162 -11.22 -21.48 -32.78
CA HIS A 162 -11.09 -20.03 -32.71
C HIS A 162 -10.49 -19.54 -31.39
N VAL A 163 -9.70 -18.47 -31.48
CA VAL A 163 -9.21 -17.71 -30.33
C VAL A 163 -9.85 -16.32 -30.32
N GLN A 164 -10.45 -15.96 -29.18
CA GLN A 164 -10.97 -14.61 -28.99
C GLN A 164 -9.97 -13.75 -28.20
N LEU A 165 -9.72 -12.52 -28.68
CA LEU A 165 -8.85 -11.55 -28.01
C LEU A 165 -9.64 -10.30 -27.63
N VAL A 166 -9.55 -9.91 -26.36
CA VAL A 166 -10.22 -8.74 -25.82
C VAL A 166 -9.20 -7.87 -25.12
N ASP A 167 -9.21 -6.56 -25.44
CA ASP A 167 -8.50 -5.54 -24.66
C ASP A 167 -9.39 -5.09 -23.50
N LEU A 168 -8.98 -5.43 -22.26
CA LEU A 168 -9.77 -5.06 -21.10
C LEU A 168 -9.81 -3.55 -20.85
N ALA A 169 -9.03 -2.76 -21.58
CA ALA A 169 -9.18 -1.31 -21.50
C ALA A 169 -10.14 -0.74 -22.54
N SER A 170 -10.53 -1.50 -23.57
CA SER A 170 -11.40 -1.01 -24.64
C SER A 170 -12.47 -2.04 -25.00
N THR A 171 -13.18 -2.55 -24.00
CA THR A 171 -14.13 -3.64 -24.20
C THR A 171 -15.34 -3.28 -25.05
N GLU A 172 -15.57 -2.00 -25.33
CA GLU A 172 -16.59 -1.60 -26.30
C GLU A 172 -16.20 -1.88 -27.76
N LYS A 173 -14.91 -2.08 -28.05
CA LYS A 173 -14.52 -2.47 -29.40
C LYS A 173 -14.89 -3.93 -29.64
N PRO A 174 -15.35 -4.28 -30.85
CA PRO A 174 -15.56 -5.70 -31.17
C PRO A 174 -14.28 -6.49 -30.96
N PRO A 175 -14.35 -7.67 -30.37
CA PRO A 175 -13.16 -8.52 -30.24
C PRO A 175 -12.63 -8.98 -31.58
N VAL A 176 -11.31 -9.21 -31.62
CA VAL A 176 -10.69 -9.90 -32.74
C VAL A 176 -10.87 -11.40 -32.54
N ASP A 177 -11.48 -12.05 -33.51
CA ASP A 177 -11.70 -13.49 -33.55
C ASP A 177 -10.77 -14.12 -34.58
N ILE A 178 -9.92 -15.05 -34.15
CA ILE A 178 -8.91 -15.69 -34.99
C ILE A 178 -9.31 -17.15 -35.24
N PRO A 179 -9.64 -17.52 -36.49
CA PRO A 179 -9.80 -18.95 -36.81
C PRO A 179 -8.45 -19.68 -36.84
N ALA A 180 -7.88 -19.97 -35.67
CA ALA A 180 -6.48 -20.41 -35.60
C ALA A 180 -6.27 -21.85 -36.06
N HIS A 181 -7.22 -22.76 -35.76
CA HIS A 181 -7.06 -24.15 -36.16
C HIS A 181 -8.40 -24.75 -36.50
N GLU A 182 -8.33 -25.85 -37.25
CA GLU A 182 -9.54 -26.60 -37.56
C GLU A 182 -10.05 -27.43 -36.41
N GLY A 183 -9.22 -27.73 -35.40
CA GLY A 183 -9.60 -28.59 -34.31
C GLY A 183 -9.53 -27.88 -32.96
N VAL A 184 -10.03 -28.59 -31.94
CA VAL A 184 -10.03 -28.07 -30.57
C VAL A 184 -8.64 -27.57 -30.18
N LEU A 185 -8.60 -26.40 -29.54
CA LEU A 185 -7.35 -25.86 -29.05
C LEU A 185 -6.84 -26.65 -27.86
N SER A 186 -5.53 -26.89 -27.82
CA SER A 186 -4.89 -27.56 -26.71
C SER A 186 -3.97 -26.65 -25.90
N CYS A 187 -3.40 -25.61 -26.52
CA CYS A 187 -2.47 -24.71 -25.85
C CYS A 187 -2.49 -23.31 -26.48
N ILE A 188 -2.35 -22.27 -25.63
CA ILE A 188 -2.26 -20.87 -26.05
C ILE A 188 -1.19 -20.15 -25.20
N ALA A 189 -0.36 -19.35 -25.85
CA ALA A 189 0.67 -18.58 -25.14
C ALA A 189 0.89 -17.20 -25.75
N LEU A 190 1.01 -16.20 -24.87
CA LEU A 190 1.43 -14.84 -25.26
C LEU A 190 2.91 -14.63 -25.01
N ASN A 191 3.54 -13.78 -25.83
CA ASN A 191 4.83 -13.21 -25.49
C ASN A 191 4.69 -12.10 -24.42
N LEU A 192 5.83 -11.73 -23.80
CA LEU A 192 5.86 -10.74 -22.73
C LEU A 192 5.32 -9.37 -23.14
N GLN A 193 5.49 -8.97 -24.40
CA GLN A 193 4.99 -7.68 -24.88
C GLN A 193 3.50 -7.69 -25.23
N GLY A 194 2.86 -8.86 -25.25
CA GLY A 194 1.49 -9.05 -25.66
C GLY A 194 1.19 -8.75 -27.11
N THR A 195 2.19 -8.82 -27.97
CA THR A 195 2.03 -8.59 -29.39
C THR A 195 1.83 -9.88 -30.21
N ARG A 196 2.21 -11.03 -29.65
CA ARG A 196 2.08 -12.31 -30.33
C ARG A 196 1.39 -13.35 -29.46
N ILE A 197 0.59 -14.18 -30.12
CA ILE A 197 -0.08 -15.32 -29.50
C ILE A 197 0.26 -16.57 -30.32
N ALA A 198 0.74 -17.60 -29.63
CA ALA A 198 1.00 -18.92 -30.19
C ALA A 198 -0.10 -19.91 -29.83
N THR A 199 -0.47 -20.76 -30.78
CA THR A 199 -1.59 -21.69 -30.62
C THR A 199 -1.27 -23.07 -31.17
N ALA A 200 -1.89 -24.07 -30.55
CA ALA A 200 -1.89 -25.44 -31.07
C ALA A 200 -3.28 -26.06 -30.91
N SER A 201 -3.62 -26.96 -31.83
CA SER A 201 -4.80 -27.81 -31.68
C SER A 201 -4.42 -29.16 -31.08
N GLU A 202 -5.46 -29.96 -30.77
CA GLU A 202 -5.26 -31.33 -30.30
C GLU A 202 -4.56 -32.21 -31.33
N LYS A 203 -4.60 -31.86 -32.61
CA LYS A 203 -3.75 -32.55 -33.58
C LYS A 203 -2.28 -32.29 -33.29
N GLY A 204 -1.94 -31.12 -32.76
CA GLY A 204 -0.59 -30.78 -32.34
C GLY A 204 0.50 -30.91 -33.39
N THR A 205 0.12 -30.96 -34.66
CA THR A 205 1.12 -31.00 -35.72
C THR A 205 1.65 -29.60 -36.04
N LEU A 206 0.83 -28.56 -35.82
CA LEU A 206 1.16 -27.18 -36.17
C LEU A 206 1.02 -26.23 -35.00
N ILE A 207 1.98 -25.32 -34.87
CA ILE A 207 1.89 -24.15 -33.98
C ILE A 207 1.80 -22.91 -34.86
N ARG A 208 0.78 -22.09 -34.62
CA ARG A 208 0.55 -20.91 -35.41
C ARG A 208 0.72 -19.69 -34.52
N ILE A 209 1.49 -18.72 -34.96
CA ILE A 209 1.72 -17.48 -34.22
C ILE A 209 0.99 -16.34 -34.91
N PHE A 210 0.18 -15.61 -34.15
CA PHE A 210 -0.57 -14.50 -34.71
C PHE A 210 -0.18 -13.18 -34.06
N ASP A 211 -0.37 -12.12 -34.85
CA ASP A 211 -0.36 -10.76 -34.34
C ASP A 211 -1.65 -10.51 -33.57
N THR A 212 -1.51 -9.98 -32.34
CA THR A 212 -2.67 -9.79 -31.49
C THR A 212 -3.49 -8.56 -31.85
N SER A 213 -2.93 -7.59 -32.59
CA SER A 213 -3.72 -6.42 -32.94
C SER A 213 -4.57 -6.65 -34.18
N SER A 214 -4.03 -7.33 -35.18
CA SER A 214 -4.70 -7.60 -36.44
C SER A 214 -5.24 -9.01 -36.60
N GLY A 215 -4.83 -9.96 -35.75
CA GLY A 215 -5.20 -11.35 -35.96
C GLY A 215 -4.51 -12.06 -37.12
N HIS A 216 -3.53 -11.42 -37.76
CA HIS A 216 -2.90 -12.01 -38.92
C HIS A 216 -1.93 -13.10 -38.51
N LEU A 217 -1.89 -14.16 -39.31
CA LEU A 217 -0.91 -15.23 -39.14
C LEU A 217 0.51 -14.73 -39.44
N ILE A 218 1.38 -14.84 -38.45
CA ILE A 218 2.79 -14.49 -38.62
C ILE A 218 3.60 -15.70 -39.06
N GLN A 219 3.44 -16.83 -38.36
CA GLN A 219 4.14 -18.07 -38.65
C GLN A 219 3.24 -19.27 -38.47
N GLU A 220 3.47 -20.25 -39.34
CA GLU A 220 2.98 -21.60 -39.15
C GLU A 220 4.20 -22.49 -38.98
N LEU A 221 4.32 -23.15 -37.84
CA LEU A 221 5.47 -23.98 -37.57
C LEU A 221 5.06 -25.42 -37.42
N ARG A 222 5.96 -26.35 -37.73
CA ARG A 222 5.64 -27.77 -37.65
C ARG A 222 6.43 -28.49 -36.59
N ARG A 223 5.63 -29.27 -35.77
CA ARG A 223 6.30 -30.05 -34.76
C ARG A 223 6.56 -31.44 -35.31
N GLY A 224 5.87 -31.82 -36.29
CA GLY A 224 6.01 -33.13 -36.87
C GLY A 224 4.83 -33.49 -37.74
N SER A 225 4.85 -34.69 -38.29
CA SER A 225 3.79 -35.12 -39.18
C SER A 225 2.77 -35.90 -38.42
N GLN A 226 3.20 -36.55 -37.36
CA GLN A 226 2.28 -37.33 -36.56
C GLN A 226 1.70 -36.50 -35.46
N ALA A 227 0.58 -36.95 -34.91
CA ALA A 227 -0.09 -36.15 -33.91
C ALA A 227 0.64 -36.14 -32.61
N ALA A 228 0.29 -35.17 -31.79
CA ALA A 228 0.90 -35.06 -30.49
C ALA A 228 0.15 -34.11 -29.61
N ASN A 229 0.01 -34.45 -28.35
CA ASN A 229 -0.62 -33.55 -27.37
C ASN A 229 0.36 -32.47 -26.94
N ILE A 230 0.08 -31.22 -27.29
CA ILE A 230 0.93 -30.11 -26.88
C ILE A 230 0.57 -29.71 -25.44
N TYR A 231 1.55 -29.78 -24.55
CA TYR A 231 1.41 -29.44 -23.14
C TYR A 231 1.68 -27.96 -22.83
N CYS A 232 2.65 -27.34 -23.50
CA CYS A 232 3.11 -25.99 -23.18
C CYS A 232 3.76 -25.30 -24.38
N ILE A 233 3.56 -23.98 -24.50
CA ILE A 233 4.27 -23.08 -25.40
C ILE A 233 4.75 -21.84 -24.64
N ASN A 234 6.00 -21.45 -24.82
CA ASN A 234 6.47 -20.17 -24.29
C ASN A 234 7.42 -19.45 -25.23
N PHE A 235 7.33 -18.12 -25.25
CA PHE A 235 8.32 -17.26 -25.90
C PHE A 235 9.53 -17.00 -24.99
N ASN A 236 10.69 -16.75 -25.62
CA ASN A 236 11.85 -16.11 -24.99
C ASN A 236 11.63 -14.59 -24.87
N GLN A 237 12.59 -13.89 -24.26
CA GLN A 237 12.38 -12.48 -23.88
C GLN A 237 12.04 -11.58 -25.06
N ASP A 238 12.73 -11.75 -26.17
CA ASP A 238 12.52 -10.97 -27.37
C ASP A 238 11.50 -11.56 -28.32
N ALA A 239 10.90 -12.68 -27.94
CA ALA A 239 9.95 -13.42 -28.77
C ALA A 239 10.57 -13.92 -30.07
N SER A 240 11.90 -13.95 -30.14
CA SER A 240 12.60 -14.51 -31.29
C SER A 240 12.55 -16.03 -31.33
N LEU A 241 12.33 -16.67 -30.19
CA LEU A 241 12.28 -18.12 -30.10
C LEU A 241 11.03 -18.52 -29.36
N ILE A 242 10.54 -19.72 -29.64
CA ILE A 242 9.56 -20.39 -28.81
C ILE A 242 10.07 -21.77 -28.46
N CYS A 243 9.76 -22.21 -27.25
CA CYS A 243 9.93 -23.60 -26.83
C CYS A 243 8.54 -24.23 -26.71
N VAL A 244 8.45 -25.51 -27.07
CA VAL A 244 7.20 -26.25 -27.20
C VAL A 244 7.39 -27.64 -26.60
N SER A 245 6.58 -27.98 -25.60
CA SER A 245 6.57 -29.30 -24.99
C SER A 245 5.41 -30.11 -25.57
N SER A 246 5.65 -31.40 -25.65
CA SER A 246 4.72 -32.37 -26.18
C SER A 246 4.82 -33.65 -25.37
N ASP A 247 4.03 -34.64 -25.77
CA ASP A 247 4.04 -35.95 -25.10
C ASP A 247 5.44 -36.56 -25.11
N HIS A 248 5.69 -37.54 -24.24
CA HIS A 248 7.01 -38.23 -24.20
C HIS A 248 8.05 -37.26 -23.65
N GLY A 249 7.60 -36.08 -23.26
CA GLY A 249 8.52 -35.09 -22.68
C GLY A 249 9.49 -34.53 -23.70
N THR A 250 9.11 -34.48 -24.98
CA THR A 250 10.05 -33.84 -25.86
C THR A 250 9.85 -32.32 -25.73
N VAL A 251 10.93 -31.57 -25.90
CA VAL A 251 10.87 -30.12 -26.08
C VAL A 251 11.41 -29.72 -27.45
N HIS A 252 10.61 -29.00 -28.21
CA HIS A 252 11.01 -28.49 -29.51
C HIS A 252 11.35 -27.01 -29.36
N ILE A 253 12.39 -26.55 -30.07
CA ILE A 253 12.78 -25.13 -30.05
C ILE A 253 12.74 -24.59 -31.47
N PHE A 254 11.96 -23.53 -31.67
CA PHE A 254 11.76 -22.88 -32.96
C PHE A 254 12.20 -21.41 -33.00
N ALA A 255 12.64 -21.02 -34.19
CA ALA A 255 12.78 -19.62 -34.61
C ALA A 255 11.39 -19.10 -34.98
N ALA A 256 10.90 -18.10 -34.25
CA ALA A 256 9.57 -17.55 -34.54
C ALA A 256 9.52 -16.49 -35.64
N GLU A 257 10.59 -15.74 -35.90
CA GLU A 257 10.55 -14.70 -36.94
C GLU A 257 11.10 -15.11 -38.31
N ASP A 258 11.64 -16.31 -38.46
CA ASP A 258 12.21 -16.77 -39.72
C ASP A 258 11.26 -17.63 -40.57
N PRO A 259 10.58 -17.08 -41.59
CA PRO A 259 9.67 -17.93 -42.38
C PRO A 259 10.41 -19.02 -43.15
N LYS A 260 11.72 -18.87 -43.37
CA LYS A 260 12.52 -19.86 -44.09
C LYS A 260 12.75 -21.11 -43.24
N SER A 261 12.61 -20.99 -41.92
CA SER A 261 12.86 -22.05 -40.94
C SER A 261 11.56 -22.26 -40.18
N LYS A 262 10.70 -23.15 -40.70
CA LYS A 262 9.47 -23.51 -40.01
C LYS A 262 9.56 -24.80 -39.18
N TRP A 263 10.63 -25.60 -39.30
CA TRP A 263 10.70 -26.78 -38.44
C TRP A 263 11.65 -26.46 -37.27
N SER A 264 11.54 -27.22 -36.17
CA SER A 264 12.46 -27.01 -35.04
C SER A 264 13.92 -27.18 -35.42
N PHE A 265 14.75 -26.17 -35.14
CA PHE A 265 16.18 -26.34 -35.37
C PHE A 265 16.80 -27.26 -34.32
N SER A 266 16.29 -27.21 -33.10
CA SER A 266 16.74 -28.04 -32.00
C SER A 266 15.61 -28.71 -31.23
N LYS A 267 15.91 -29.85 -30.61
CA LYS A 267 14.97 -30.49 -29.70
C LYS A 267 15.73 -31.40 -28.75
N PHE A 268 15.20 -31.60 -27.53
CA PHE A 268 15.74 -32.63 -26.64
C PHE A 268 14.61 -33.42 -25.98
N GLN A 269 14.92 -34.66 -25.56
CA GLN A 269 14.03 -35.45 -24.72
C GLN A 269 14.34 -35.28 -23.24
N VAL A 270 13.32 -35.07 -22.42
CA VAL A 270 13.46 -35.09 -20.97
C VAL A 270 13.61 -36.56 -20.58
N PRO A 271 14.73 -36.94 -19.97
CA PRO A 271 15.05 -38.37 -19.79
C PRO A 271 13.95 -39.15 -19.07
N SER A 272 13.21 -38.54 -18.16
CA SER A 272 12.13 -39.28 -17.52
C SER A 272 10.92 -39.44 -18.44
N GLY A 273 10.85 -38.71 -19.55
CA GLY A 273 9.66 -38.68 -20.39
C GLY A 273 8.36 -38.14 -19.83
N SER A 274 8.36 -37.67 -18.59
CA SER A 274 7.12 -37.19 -18.01
C SER A 274 6.67 -35.89 -18.69
N PRO A 275 5.35 -35.69 -18.82
CA PRO A 275 4.84 -34.40 -19.29
C PRO A 275 5.47 -33.25 -18.49
N CYS A 276 5.82 -32.19 -19.19
CA CYS A 276 6.49 -31.07 -18.56
C CYS A 276 6.02 -29.77 -19.19
N ILE A 277 6.09 -28.68 -18.39
CA ILE A 277 6.04 -27.33 -18.94
C ILE A 277 7.48 -26.87 -19.14
N CYS A 278 7.67 -26.01 -20.13
CA CYS A 278 8.97 -25.46 -20.46
C CYS A 278 8.95 -23.94 -20.62
N ALA A 279 10.09 -23.33 -20.29
CA ALA A 279 10.31 -21.91 -20.52
C ALA A 279 11.81 -21.71 -20.73
N PHE A 280 12.18 -20.55 -21.23
CA PHE A 280 13.59 -20.17 -21.36
C PHE A 280 14.17 -19.72 -20.02
N GLY A 281 15.44 -20.04 -19.79
CA GLY A 281 16.14 -19.58 -18.61
C GLY A 281 16.64 -18.15 -18.72
N THR A 282 17.46 -17.77 -17.74
CA THR A 282 18.09 -16.44 -17.75
C THR A 282 19.15 -16.30 -18.85
N GLU A 283 19.88 -17.36 -19.16
CA GLU A 283 20.79 -17.38 -20.30
C GLU A 283 20.03 -17.53 -21.60
N PRO A 284 20.41 -16.77 -22.63
CA PRO A 284 19.68 -16.82 -23.91
C PRO A 284 19.61 -18.20 -24.53
N ASN A 285 20.51 -19.11 -24.18
CA ASN A 285 20.49 -20.46 -24.74
C ASN A 285 20.06 -21.51 -23.72
N ALA A 286 19.49 -21.09 -22.60
CA ALA A 286 18.93 -21.99 -21.59
C ALA A 286 17.44 -22.17 -21.80
N VAL A 287 16.99 -23.41 -21.70
CA VAL A 287 15.58 -23.79 -21.63
C VAL A 287 15.37 -24.66 -20.40
N ILE A 288 14.28 -24.41 -19.68
CA ILE A 288 13.99 -25.09 -18.42
C ILE A 288 12.79 -26.00 -18.63
N ALA A 289 12.84 -27.20 -18.06
CA ALA A 289 11.72 -28.14 -18.08
C ALA A 289 11.35 -28.52 -16.66
N ILE A 290 10.07 -28.30 -16.33
CA ILE A 290 9.46 -28.69 -15.06
C ILE A 290 8.49 -29.84 -15.33
N CYS A 291 8.77 -31.03 -14.79
CA CYS A 291 8.05 -32.23 -15.16
C CYS A 291 7.08 -32.63 -14.05
N ALA A 292 6.03 -33.35 -14.43
CA ALA A 292 4.98 -33.73 -13.49
C ALA A 292 5.47 -34.72 -12.44
N ASP A 293 6.51 -35.50 -12.74
CA ASP A 293 7.13 -36.38 -11.75
C ASP A 293 7.96 -35.65 -10.70
N GLY A 294 8.18 -34.34 -10.84
CA GLY A 294 9.05 -33.58 -9.95
C GLY A 294 10.47 -33.37 -10.45
N SER A 295 10.79 -33.81 -11.66
CA SER A 295 12.10 -33.57 -12.24
C SER A 295 12.20 -32.15 -12.78
N TYR A 296 13.31 -31.49 -12.48
CA TYR A 296 13.74 -30.24 -13.09
C TYR A 296 14.93 -30.52 -14.00
N TYR A 297 14.90 -29.97 -15.22
CA TYR A 297 16.06 -30.00 -16.12
C TYR A 297 16.40 -28.63 -16.70
N LYS A 298 17.68 -28.29 -16.76
CA LYS A 298 18.15 -27.22 -17.64
C LYS A 298 19.04 -27.75 -18.77
N PHE A 299 18.71 -27.38 -19.99
CA PHE A 299 19.51 -27.69 -21.17
C PHE A 299 20.07 -26.43 -21.80
N LEU A 300 21.34 -26.48 -22.19
CA LEU A 300 21.96 -25.47 -23.02
C LEU A 300 22.06 -25.97 -24.44
N PHE A 301 21.64 -25.15 -25.39
CA PHE A 301 21.85 -25.44 -26.79
C PHE A 301 22.90 -24.49 -27.36
N ASN A 302 23.47 -24.87 -28.49
CA ASN A 302 24.41 -24.01 -29.19
C ASN A 302 23.89 -23.64 -30.58
N PRO A 303 24.53 -22.72 -31.29
CA PRO A 303 24.03 -22.34 -32.63
C PRO A 303 23.98 -23.48 -33.64
N LYS A 304 24.73 -24.56 -33.43
CA LYS A 304 24.59 -25.70 -34.33
C LYS A 304 23.33 -26.51 -34.05
N GLY A 305 22.63 -26.20 -32.96
CA GLY A 305 21.41 -26.89 -32.60
C GLY A 305 21.65 -28.13 -31.79
N GLU A 306 22.89 -28.36 -31.37
CA GLU A 306 23.18 -29.45 -30.45
C GLU A 306 22.67 -29.05 -29.07
N CYS A 307 22.10 -30.01 -28.35
CA CYS A 307 21.66 -29.76 -26.99
C CYS A 307 22.40 -30.65 -26.02
N ILE A 308 22.83 -30.06 -24.92
CA ILE A 308 23.38 -30.82 -23.79
C ILE A 308 22.53 -30.52 -22.56
N ARG A 309 22.32 -31.53 -21.73
CA ARG A 309 21.67 -31.34 -20.45
C ARG A 309 22.68 -30.84 -19.42
N ASP A 310 22.38 -29.69 -18.82
CA ASP A 310 23.21 -29.03 -17.82
C ASP A 310 22.82 -29.35 -16.37
N VAL A 311 21.55 -29.18 -16.01
CA VAL A 311 21.08 -29.41 -14.65
C VAL A 311 19.92 -30.39 -14.59
N TYR A 312 19.89 -31.18 -13.51
CA TYR A 312 18.73 -31.98 -13.11
C TYR A 312 18.55 -31.90 -11.61
N ALA A 313 17.29 -31.74 -11.16
CA ALA A 313 16.96 -31.80 -9.74
C ALA A 313 15.53 -32.25 -9.49
N GLN A 314 15.28 -32.79 -8.29
CA GLN A 314 13.91 -32.88 -7.74
C GLN A 314 13.66 -31.64 -6.90
N PHE A 315 12.93 -30.67 -7.46
CA PHE A 315 12.62 -29.47 -6.69
C PHE A 315 11.72 -29.75 -5.50
N LEU A 316 10.91 -30.81 -5.57
CA LEU A 316 10.02 -31.10 -4.45
C LEU A 316 10.77 -31.59 -3.23
N GLU A 317 12.06 -31.88 -3.35
CA GLU A 317 12.82 -32.55 -2.30
C GLU A 317 13.83 -31.65 -1.59
N MET A 318 14.34 -30.62 -2.25
CA MET A 318 15.35 -29.74 -1.65
C MET A 318 14.87 -29.09 -0.36
N MET B 7 19.91 -4.50 13.42
CA MET B 7 20.74 -5.28 12.51
C MET B 7 20.20 -5.15 11.08
N ASN B 8 20.89 -5.78 10.13
CA ASN B 8 20.41 -5.77 8.75
C ASN B 8 19.08 -6.49 8.61
N GLU B 9 18.92 -7.61 9.33
CA GLU B 9 17.65 -8.33 9.31
C GLU B 9 16.53 -7.46 9.88
N ALA B 10 16.83 -6.68 10.94
CA ALA B 10 15.81 -5.86 11.54
C ALA B 10 15.30 -4.83 10.55
N LYS B 11 16.19 -4.27 9.72
CA LYS B 11 15.78 -3.37 8.66
C LYS B 11 14.81 -4.03 7.69
N ILE B 12 15.08 -5.29 7.33
CA ILE B 12 14.19 -6.03 6.45
C ILE B 12 12.80 -6.13 7.06
N ALA B 13 12.73 -6.48 8.35
CA ALA B 13 11.45 -6.68 9.01
C ALA B 13 10.59 -5.43 8.97
N GLU B 14 11.19 -4.27 9.25
CA GLU B 14 10.44 -3.01 9.17
C GLU B 14 9.93 -2.79 7.76
N CYS B 15 10.80 -2.95 6.76
CA CYS B 15 10.41 -2.67 5.39
C CYS B 15 9.30 -3.60 4.92
N LEU B 16 9.42 -4.89 5.25
CA LEU B 16 8.36 -5.83 4.88
C LEU B 16 7.05 -5.45 5.56
N GLN B 17 7.10 -5.04 6.83
CA GLN B 17 5.88 -4.61 7.52
C GLN B 17 5.29 -3.37 6.85
N THR B 18 6.14 -2.42 6.48
CA THR B 18 5.65 -1.23 5.77
C THR B 18 4.97 -1.61 4.46
N ILE B 19 5.55 -2.57 3.73
CA ILE B 19 4.98 -2.98 2.45
C ILE B 19 3.61 -3.60 2.65
N SER B 20 3.45 -4.48 3.64
CA SER B 20 2.16 -5.12 3.86
C SER B 20 1.11 -4.08 4.24
N ASP B 21 1.46 -3.10 5.06
CA ASP B 21 0.50 -2.06 5.41
C ASP B 21 0.17 -1.19 4.21
N LEU B 22 1.16 -0.92 3.35
CA LEU B 22 0.91 -0.14 2.13
C LEU B 22 0.00 -0.91 1.17
N GLU B 23 0.25 -2.20 0.99
CA GLU B 23 -0.61 -2.99 0.14
C GLU B 23 -2.04 -3.02 0.68
N THR B 24 -2.19 -3.08 2.00
CA THR B 24 -3.53 -3.06 2.58
C THR B 24 -4.25 -1.77 2.21
N GLU B 25 -3.54 -0.65 2.23
CA GLU B 25 -4.15 0.64 1.93
C GLU B 25 -4.56 0.73 0.45
N CYS B 26 -3.73 0.22 -0.46
CA CYS B 26 -4.12 0.23 -1.87
C CYS B 26 -5.37 -0.58 -2.10
N LEU B 27 -5.46 -1.73 -1.45
CA LEU B 27 -6.65 -2.56 -1.56
C LEU B 27 -7.86 -1.80 -1.03
N ASP B 28 -7.69 -1.11 0.10
CA ASP B 28 -8.81 -0.38 0.66
C ASP B 28 -9.21 0.80 -0.23
N LEU B 29 -8.22 1.54 -0.73
CA LEU B 29 -8.55 2.68 -1.58
C LEU B 29 -9.19 2.22 -2.88
N ARG B 30 -8.61 1.22 -3.54
CA ARG B 30 -9.21 0.73 -4.76
C ARG B 30 -10.64 0.26 -4.51
N THR B 31 -10.87 -0.43 -3.38
CA THR B 31 -12.21 -0.88 -3.03
C THR B 31 -13.17 0.29 -2.88
N LYS B 32 -12.79 1.28 -2.06
CA LYS B 32 -13.63 2.46 -1.90
C LYS B 32 -13.83 3.18 -3.22
N LEU B 33 -12.83 3.16 -4.10
CA LEU B 33 -12.95 3.86 -5.37
C LEU B 33 -13.91 3.14 -6.31
N CYS B 34 -13.78 1.82 -6.40
CA CYS B 34 -14.68 1.07 -7.29
C CYS B 34 -16.10 1.08 -6.75
N ASP B 35 -16.27 1.03 -5.42
CA ASP B 35 -17.61 1.10 -4.85
C ASP B 35 -18.26 2.44 -5.16
N LEU B 36 -17.51 3.54 -5.03
CA LEU B 36 -18.07 4.86 -5.29
C LEU B 36 -18.33 5.08 -6.78
N GLU B 37 -17.49 4.52 -7.64
CA GLU B 37 -17.72 4.63 -9.08
C GLU B 37 -19.07 4.07 -9.47
N ARG B 38 -19.44 2.92 -8.88
CA ARG B 38 -20.73 2.30 -9.20
C ARG B 38 -21.89 3.18 -8.73
N ALA B 39 -21.81 3.68 -7.49
CA ALA B 39 -22.88 4.52 -6.96
C ALA B 39 -23.06 5.77 -7.79
N ASN B 40 -21.95 6.40 -8.18
CA ASN B 40 -22.02 7.60 -9.00
C ASN B 40 -22.77 7.33 -10.30
N GLN B 41 -22.48 6.21 -10.97
CA GLN B 41 -23.18 5.89 -12.21
C GLN B 41 -24.67 5.66 -11.96
N THR B 42 -25.00 5.00 -10.84
CA THR B 42 -26.40 4.81 -10.49
C THR B 42 -27.10 6.15 -10.27
N LEU B 43 -26.39 7.12 -9.67
CA LEU B 43 -26.97 8.46 -9.49
C LEU B 43 -26.91 9.28 -10.77
N LYS B 44 -25.96 8.99 -11.66
CA LYS B 44 -26.01 9.59 -12.99
C LYS B 44 -27.30 9.20 -13.70
N ASP B 45 -27.74 7.95 -13.51
CA ASP B 45 -28.94 7.47 -14.18
C ASP B 45 -30.21 8.04 -13.57
N GLU B 46 -30.27 8.12 -12.23
CA GLU B 46 -31.41 8.76 -11.58
C GLU B 46 -31.46 10.24 -11.88
N TYR B 47 -30.37 10.83 -12.39
CA TYR B 47 -30.42 12.22 -12.83
C TYR B 47 -30.97 12.35 -14.24
N ASP B 48 -30.67 11.39 -15.12
CA ASP B 48 -31.24 11.41 -16.46
C ASP B 48 -32.72 11.07 -16.43
N ALA B 49 -33.09 10.01 -15.71
CA ALA B 49 -34.49 9.58 -15.65
C ALA B 49 -35.36 10.61 -14.97
N LEU B 50 -34.86 11.25 -13.92
CA LEU B 50 -35.62 12.33 -13.28
C LEU B 50 -35.63 13.60 -14.13
N GLN B 51 -34.55 13.85 -14.88
CA GLN B 51 -34.51 15.02 -15.76
C GLN B 51 -35.55 14.91 -16.87
N ILE B 52 -35.68 13.72 -17.48
CA ILE B 52 -36.69 13.54 -18.53
C ILE B 52 -38.10 13.65 -17.94
N THR B 53 -38.27 13.23 -16.69
CA THR B 53 -39.58 13.34 -16.03
C THR B 53 -39.99 14.79 -15.88
N PHE B 54 -39.07 15.65 -15.44
CA PHE B 54 -39.37 17.05 -15.19
C PHE B 54 -39.14 17.95 -16.40
N THR B 55 -38.64 17.40 -17.51
CA THR B 55 -38.81 18.06 -18.80
C THR B 55 -40.14 17.68 -19.44
N ALA B 56 -40.66 16.50 -19.10
CA ALA B 56 -42.00 16.12 -19.56
C ALA B 56 -43.07 16.95 -18.88
N LEU B 57 -42.92 17.21 -17.58
CA LEU B 57 -43.88 18.03 -16.84
C LEU B 57 -43.86 19.47 -17.35
N MET C 7 23.82 -9.37 -1.65
CA MET C 7 23.91 -9.64 -0.22
C MET C 7 22.56 -9.39 0.45
N ASN C 8 22.54 -9.53 1.78
CA ASN C 8 21.34 -9.17 2.54
C ASN C 8 21.00 -7.69 2.40
N GLU C 9 21.98 -6.87 2.02
CA GLU C 9 21.73 -5.47 1.76
C GLU C 9 20.96 -5.26 0.46
N ALA C 10 21.14 -6.15 -0.51
CA ALA C 10 20.41 -6.03 -1.77
C ALA C 10 18.90 -6.08 -1.54
N LYS C 11 18.46 -6.91 -0.60
CA LYS C 11 17.04 -6.99 -0.30
C LYS C 11 16.53 -5.70 0.33
N ILE C 12 17.39 -4.95 1.01
CA ILE C 12 17.01 -3.61 1.47
C ILE C 12 16.70 -2.73 0.27
N ALA C 13 17.58 -2.74 -0.73
CA ALA C 13 17.40 -1.86 -1.88
C ALA C 13 16.10 -2.17 -2.62
N GLU C 14 15.81 -3.46 -2.84
CA GLU C 14 14.57 -3.83 -3.50
C GLU C 14 13.37 -3.34 -2.71
N CYS C 15 13.39 -3.54 -1.38
CA CYS C 15 12.25 -3.15 -0.55
C CYS C 15 12.01 -1.65 -0.64
N LEU C 16 13.08 -0.85 -0.58
CA LEU C 16 12.95 0.60 -0.67
C LEU C 16 12.30 1.03 -1.98
N GLN C 17 12.63 0.38 -3.08
CA GLN C 17 11.97 0.69 -4.34
C GLN C 17 10.49 0.33 -4.29
N THR C 18 10.14 -0.82 -3.71
CA THR C 18 8.74 -1.22 -3.62
C THR C 18 7.94 -0.23 -2.78
N ILE C 19 8.50 0.21 -1.66
CA ILE C 19 7.81 1.17 -0.81
C ILE C 19 7.60 2.49 -1.54
N SER C 20 8.64 2.97 -2.23
CA SER C 20 8.50 4.23 -2.96
C SER C 20 7.40 4.14 -4.00
N ASP C 21 7.35 3.02 -4.75
CA ASP C 21 6.34 2.82 -5.77
C ASP C 21 4.95 2.68 -5.16
N LEU C 22 4.84 2.00 -4.02
CA LEU C 22 3.55 1.83 -3.37
C LEU C 22 3.02 3.18 -2.88
N GLU C 23 3.92 4.02 -2.35
CA GLU C 23 3.50 5.34 -1.89
C GLU C 23 2.90 6.16 -3.02
N THR C 24 3.48 6.07 -4.21
CA THR C 24 2.92 6.76 -5.35
C THR C 24 1.52 6.23 -5.68
N GLU C 25 1.34 4.91 -5.67
CA GLU C 25 0.05 4.33 -6.01
C GLU C 25 -1.02 4.69 -4.97
N CYS C 26 -0.66 4.70 -3.68
CA CYS C 26 -1.60 5.18 -2.66
C CYS C 26 -2.02 6.62 -2.91
N LEU C 27 -1.04 7.48 -3.22
CA LEU C 27 -1.35 8.88 -3.48
C LEU C 27 -2.25 9.03 -4.70
N ASP C 28 -1.97 8.25 -5.75
CA ASP C 28 -2.79 8.35 -6.95
C ASP C 28 -4.21 7.87 -6.69
N LEU C 29 -4.36 6.73 -5.99
CA LEU C 29 -5.68 6.19 -5.74
C LEU C 29 -6.49 7.11 -4.83
N ARG C 30 -5.88 7.60 -3.75
CA ARG C 30 -6.62 8.51 -2.88
C ARG C 30 -6.99 9.80 -3.61
N THR C 31 -6.15 10.23 -4.55
CA THR C 31 -6.51 11.40 -5.36
C THR C 31 -7.73 11.10 -6.22
N LYS C 32 -7.70 9.98 -6.95
CA LYS C 32 -8.87 9.62 -7.76
C LYS C 32 -10.11 9.41 -6.88
N LEU C 33 -9.93 8.88 -5.68
CA LEU C 33 -11.06 8.65 -4.79
C LEU C 33 -11.65 9.98 -4.31
N CYS C 34 -10.78 10.87 -3.82
CA CYS C 34 -11.27 12.15 -3.33
C CYS C 34 -11.83 13.00 -4.47
N ASP C 35 -11.24 12.89 -5.67
CA ASP C 35 -11.79 13.60 -6.82
C ASP C 35 -13.21 13.14 -7.10
N LEU C 36 -13.43 11.82 -7.13
CA LEU C 36 -14.76 11.30 -7.40
C LEU C 36 -15.72 11.59 -6.26
N GLU C 37 -15.22 11.55 -5.03
CA GLU C 37 -16.10 11.82 -3.89
C GLU C 37 -16.66 13.23 -3.98
N ARG C 38 -15.84 14.19 -4.42
CA ARG C 38 -16.30 15.56 -4.59
C ARG C 38 -17.30 15.68 -5.74
N ALA C 39 -17.00 15.01 -6.86
CA ALA C 39 -17.92 15.07 -8.00
C ALA C 39 -19.27 14.44 -7.67
N ASN C 40 -19.26 13.35 -6.90
CA ASN C 40 -20.52 12.76 -6.47
C ASN C 40 -21.33 13.72 -5.63
N GLN C 41 -20.66 14.45 -4.73
CA GLN C 41 -21.37 15.42 -3.90
C GLN C 41 -21.95 16.55 -4.74
N THR C 42 -21.20 16.97 -5.77
CA THR C 42 -21.73 18.00 -6.67
C THR C 42 -22.99 17.50 -7.38
N LEU C 43 -23.00 16.23 -7.77
CA LEU C 43 -24.17 15.66 -8.41
C LEU C 43 -25.27 15.35 -7.41
N LYS C 44 -24.91 14.95 -6.18
CA LYS C 44 -25.92 14.81 -5.14
C LYS C 44 -26.66 16.11 -4.89
N ASP C 45 -25.99 17.25 -5.16
CA ASP C 45 -26.62 18.56 -4.99
C ASP C 45 -27.54 18.89 -6.16
N GLU C 46 -27.04 18.73 -7.38
CA GLU C 46 -27.83 19.07 -8.56
C GLU C 46 -29.06 18.18 -8.67
N TYR C 47 -28.96 16.92 -8.24
CA TYR C 47 -30.13 16.06 -8.18
C TYR C 47 -31.21 16.68 -7.29
N ASP C 48 -30.90 16.88 -6.01
CA ASP C 48 -31.87 17.44 -5.08
C ASP C 48 -32.36 18.80 -5.55
N ALA C 49 -31.47 19.58 -6.18
CA ALA C 49 -31.83 20.89 -6.72
C ALA C 49 -32.92 20.74 -7.77
N LEU C 50 -32.61 20.06 -8.88
CA LEU C 50 -33.60 19.86 -9.93
C LEU C 50 -34.85 19.17 -9.40
N GLN C 51 -34.67 18.25 -8.44
CA GLN C 51 -35.80 17.53 -7.83
C GLN C 51 -36.81 18.49 -7.22
N ILE C 52 -36.40 19.22 -6.17
CA ILE C 52 -37.33 20.11 -5.50
C ILE C 52 -37.76 21.24 -6.43
N THR C 53 -36.88 21.66 -7.34
CA THR C 53 -37.17 22.77 -8.24
C THR C 53 -38.43 22.52 -9.06
N PHE C 54 -38.49 21.37 -9.75
CA PHE C 54 -39.64 21.10 -10.61
C PHE C 54 -40.72 20.25 -9.96
N THR C 55 -40.49 19.73 -8.74
CA THR C 55 -41.62 19.25 -7.94
C THR C 55 -42.56 20.41 -7.61
N ALA C 56 -41.99 21.56 -7.24
CA ALA C 56 -42.79 22.77 -7.06
C ALA C 56 -43.45 23.19 -8.36
N LEU C 57 -42.81 22.90 -9.50
CA LEU C 57 -43.46 23.14 -10.79
C LEU C 57 -44.75 22.35 -10.89
N GLU C 58 -44.75 21.09 -10.44
CA GLU C 58 -45.96 20.28 -10.36
C GLU C 58 -46.94 20.84 -9.33
N GLY D 7 23.11 32.06 17.25
CA GLY D 7 23.14 31.03 18.27
C GLY D 7 23.53 29.66 17.75
N ASN D 8 22.62 28.69 17.89
CA ASN D 8 22.83 27.34 17.35
C ASN D 8 21.95 27.06 16.13
N GLY D 9 21.10 28.00 15.73
CA GLY D 9 20.31 27.89 14.53
C GLY D 9 19.05 27.04 14.66
N LEU D 10 18.78 26.45 15.82
CA LEU D 10 17.55 25.71 15.99
C LEU D 10 16.35 26.65 16.03
N LEU D 11 15.34 26.35 15.21
CA LEU D 11 14.11 27.12 15.11
C LEU D 11 12.90 26.37 15.62
N TYR D 12 12.93 25.05 15.59
CA TYR D 12 11.78 24.24 15.98
C TYR D 12 12.24 22.88 16.45
N ALA D 13 11.52 22.32 17.42
CA ALA D 13 11.66 20.92 17.79
C ALA D 13 10.30 20.29 18.09
N GLY D 14 10.06 19.10 17.54
CA GLY D 14 8.81 18.43 17.78
C GLY D 14 8.92 16.92 17.73
N PHE D 15 8.25 16.24 18.65
CA PHE D 15 8.09 14.79 18.60
C PHE D 15 7.13 14.37 17.49
N ASN D 16 7.36 13.17 16.94
CA ASN D 16 6.38 12.45 16.13
C ASN D 16 5.24 11.86 17.00
N GLN D 17 4.27 11.22 16.33
CA GLN D 17 3.02 10.77 16.95
C GLN D 17 3.22 9.82 18.12
N ASP D 18 4.29 9.03 18.13
CA ASP D 18 4.52 8.07 19.22
C ASP D 18 5.71 8.45 20.09
N HIS D 19 6.26 9.66 19.90
CA HIS D 19 7.48 10.16 20.54
C HIS D 19 8.74 9.37 20.20
N GLY D 20 8.65 8.41 19.28
CA GLY D 20 9.82 7.64 18.89
C GLY D 20 10.85 8.45 18.13
N CYS D 21 10.44 9.56 17.51
CA CYS D 21 11.37 10.46 16.87
C CYS D 21 11.06 11.89 17.27
N PHE D 22 12.05 12.77 17.09
CA PHE D 22 11.80 14.21 17.08
C PHE D 22 12.49 14.81 15.87
N ALA D 23 11.87 15.82 15.30
CA ALA D 23 12.38 16.58 14.17
C ALA D 23 12.72 18.00 14.57
N CYS D 24 13.78 18.53 13.95
CA CYS D 24 14.28 19.88 14.22
C CYS D 24 14.24 20.71 12.96
N GLY D 25 13.57 21.84 13.03
CA GLY D 25 13.72 22.87 12.01
C GLY D 25 14.94 23.72 12.30
N MET D 26 15.72 23.97 11.27
CA MET D 26 17.00 24.65 11.38
C MET D 26 17.01 25.88 10.49
N GLU D 27 17.93 26.79 10.81
CA GLU D 27 18.17 27.96 9.97
C GLU D 27 18.65 27.58 8.59
N ASN D 28 19.11 26.33 8.41
CA ASN D 28 19.64 25.86 7.14
C ASN D 28 19.00 24.54 6.72
N GLY D 29 17.80 24.26 7.18
CA GLY D 29 17.12 23.04 6.80
C GLY D 29 16.45 22.30 7.92
N PHE D 30 16.54 20.98 7.88
CA PHE D 30 15.91 20.18 8.91
C PHE D 30 16.66 18.91 9.24
N ARG D 31 16.37 18.34 10.38
CA ARG D 31 17.00 17.11 10.78
C ARG D 31 15.99 16.23 11.48
N VAL D 32 16.14 14.92 11.36
CA VAL D 32 15.26 14.01 12.06
C VAL D 32 16.07 13.13 12.97
N TYR D 33 15.55 12.85 14.14
CA TYR D 33 16.29 12.07 15.11
C TYR D 33 15.46 10.99 15.74
N ASN D 34 16.11 9.92 16.15
CA ASN D 34 15.42 8.87 16.86
C ASN D 34 15.55 9.29 18.30
N THR D 35 14.47 9.24 19.05
CA THR D 35 14.50 9.77 20.40
C THR D 35 15.27 8.88 21.36
N ASP D 36 15.01 7.58 21.34
CA ASP D 36 15.66 6.73 22.32
C ASP D 36 15.93 5.32 21.77
N PRO D 37 17.21 4.95 21.61
CA PRO D 37 18.38 5.81 21.85
C PRO D 37 18.47 6.96 20.86
N LEU D 38 19.00 8.09 21.32
CA LEU D 38 19.19 9.27 20.49
C LEU D 38 20.12 8.92 19.34
N LYS D 39 19.66 9.13 18.11
CA LYS D 39 20.47 8.93 16.93
C LYS D 39 19.95 9.86 15.84
N GLU D 40 20.86 10.57 15.19
CA GLU D 40 20.48 11.32 14.00
C GLU D 40 20.08 10.37 12.91
N LYS D 41 18.88 10.55 12.37
CA LYS D 41 18.30 9.63 11.40
C LYS D 41 18.40 10.20 9.99
N GLU D 42 18.11 11.48 9.80
CA GLU D 42 18.18 12.13 8.51
C GLU D 42 18.61 13.56 8.76
N LYS D 43 19.41 14.10 7.83
CA LYS D 43 19.77 15.52 7.86
C LYS D 43 19.71 16.02 6.42
N GLN D 44 18.84 16.99 6.18
CA GLN D 44 18.72 17.63 4.88
C GLN D 44 19.12 19.09 5.05
N GLU D 45 20.17 19.50 4.35
CA GLU D 45 20.62 20.88 4.36
C GLU D 45 20.07 21.67 3.16
N PHE D 46 19.66 22.91 3.44
CA PHE D 46 19.25 23.84 2.41
C PHE D 46 20.13 25.08 2.61
N LEU D 47 20.92 25.40 1.58
CA LEU D 47 21.75 26.59 1.63
C LEU D 47 20.90 27.84 1.59
N GLU D 48 19.66 27.73 1.12
CA GLU D 48 18.85 28.88 0.79
C GLU D 48 18.04 29.34 2.00
N GLY D 49 17.92 28.52 3.03
CA GLY D 49 17.23 28.99 4.21
C GLY D 49 16.64 27.92 5.10
N GLY D 50 15.92 28.43 6.12
CA GLY D 50 15.41 27.62 7.19
C GLY D 50 14.00 27.09 7.08
N VAL D 51 13.76 26.07 7.88
CA VAL D 51 12.46 25.46 8.05
C VAL D 51 12.03 25.71 9.48
N GLY D 52 10.91 26.42 9.67
CA GLY D 52 10.43 26.80 10.97
C GLY D 52 9.42 25.84 11.58
N HIS D 53 8.89 24.89 10.81
CA HIS D 53 8.00 23.87 11.35
C HIS D 53 8.21 22.56 10.58
N VAL D 54 8.27 21.45 11.32
CA VAL D 54 8.40 20.11 10.76
C VAL D 54 7.42 19.17 11.44
N GLU D 55 6.47 18.63 10.68
CA GLU D 55 5.57 17.61 11.22
C GLU D 55 5.82 16.25 10.53
N MET D 56 6.21 15.26 11.32
CA MET D 56 6.35 13.90 10.82
C MET D 56 5.00 13.19 10.75
N LEU D 57 4.86 12.26 9.82
CA LEU D 57 3.81 11.25 9.89
C LEU D 57 4.37 9.92 10.37
N PHE D 58 4.30 9.67 11.68
CA PHE D 58 4.93 8.49 12.26
C PHE D 58 6.37 8.27 11.85
N ARG D 59 6.62 7.14 11.18
CA ARG D 59 7.90 6.84 10.57
C ARG D 59 7.79 6.72 9.06
N CYS D 60 6.82 7.42 8.46
CA CYS D 60 6.76 7.41 7.02
C CYS D 60 7.78 8.40 6.46
N ASN D 61 7.93 8.34 5.15
CA ASN D 61 8.80 9.22 4.39
C ASN D 61 8.22 10.62 4.18
N TYR D 62 7.01 10.89 4.65
CA TYR D 62 6.40 12.22 4.48
C TYR D 62 6.66 13.11 5.69
N LEU D 63 7.10 14.33 5.42
CA LEU D 63 7.24 15.38 6.42
C LEU D 63 6.50 16.60 5.87
N ALA D 64 5.78 17.30 6.74
CA ALA D 64 5.29 18.63 6.39
C ALA D 64 6.30 19.69 6.82
N LEU D 65 6.66 20.57 5.90
CA LEU D 65 7.62 21.64 6.15
C LEU D 65 6.94 22.99 5.98
N VAL D 66 7.25 23.91 6.88
CA VAL D 66 6.92 25.31 6.71
C VAL D 66 8.20 26.13 6.80
N GLY D 67 8.40 27.02 5.83
CA GLY D 67 9.57 27.88 5.85
C GLY D 67 9.54 28.83 7.03
N GLY D 68 10.72 29.10 7.59
CA GLY D 68 10.82 30.05 8.68
C GLY D 68 12.26 30.47 8.87
N GLY D 69 12.46 31.31 9.89
CA GLY D 69 13.75 31.93 10.12
C GLY D 69 13.93 33.25 9.40
N LYS D 70 15.14 33.79 9.54
CA LYS D 70 15.49 35.05 8.88
C LYS D 70 15.47 34.93 7.37
N LYS D 71 15.79 33.75 6.84
CA LYS D 71 15.75 33.48 5.41
C LYS D 71 15.03 32.15 5.23
N PRO D 72 13.71 32.16 5.09
CA PRO D 72 12.97 30.90 5.04
C PRO D 72 13.15 30.19 3.71
N LYS D 73 13.30 28.86 3.78
CA LYS D 73 13.42 28.08 2.55
C LYS D 73 12.15 28.17 1.72
N TYR D 74 11.00 28.27 2.37
CA TYR D 74 9.73 28.36 1.67
C TYR D 74 8.97 29.58 2.20
N PRO D 75 8.11 30.19 1.40
CA PRO D 75 7.22 31.23 1.93
C PRO D 75 6.40 30.70 3.09
N PRO D 76 6.28 31.49 4.16
CA PRO D 76 5.55 31.03 5.35
C PRO D 76 4.06 30.87 5.17
N ASN D 77 3.49 31.29 4.04
CA ASN D 77 2.09 31.02 3.75
C ASN D 77 1.88 29.74 2.96
N LYS D 78 2.92 28.93 2.77
CA LYS D 78 2.85 27.65 2.07
C LYS D 78 3.20 26.50 3.00
N VAL D 79 2.44 25.42 2.85
CA VAL D 79 2.76 24.11 3.43
C VAL D 79 3.37 23.22 2.35
N MET D 80 4.56 22.69 2.63
CA MET D 80 5.27 21.74 1.76
C MET D 80 5.29 20.35 2.37
N ILE D 81 4.75 19.36 1.65
CA ILE D 81 4.92 17.96 2.02
C ILE D 81 6.21 17.48 1.37
N TRP D 82 7.20 17.15 2.20
CA TRP D 82 8.47 16.58 1.77
C TRP D 82 8.35 15.07 1.70
N ASP D 83 8.82 14.48 0.60
CA ASP D 83 8.98 13.02 0.50
C ASP D 83 10.46 12.71 0.73
N ASP D 84 10.76 12.18 1.91
CA ASP D 84 12.15 11.96 2.28
C ASP D 84 12.77 10.78 1.54
N LEU D 85 11.96 9.83 1.06
CA LEU D 85 12.49 8.78 0.20
C LEU D 85 12.86 9.31 -1.19
N LYS D 86 12.10 10.27 -1.70
CA LYS D 86 12.38 10.88 -3.00
C LYS D 86 13.22 12.14 -2.89
N LYS D 87 13.49 12.61 -1.67
CA LYS D 87 14.17 13.88 -1.39
C LYS D 87 13.65 15.07 -2.20
N LYS D 88 12.32 15.23 -2.25
CA LYS D 88 11.73 16.36 -2.95
C LYS D 88 10.39 16.70 -2.31
N THR D 89 9.94 17.94 -2.53
CA THR D 89 8.55 18.32 -2.24
C THR D 89 7.61 17.69 -3.26
N VAL D 90 6.50 17.13 -2.81
CA VAL D 90 5.57 16.49 -3.73
C VAL D 90 4.19 17.14 -3.73
N ILE D 91 3.79 17.85 -2.68
CA ILE D 91 2.53 18.57 -2.64
C ILE D 91 2.80 19.91 -1.99
N GLU D 92 2.20 20.99 -2.52
CA GLU D 92 2.24 22.33 -1.94
C GLU D 92 0.85 22.92 -1.84
N ILE D 93 0.53 23.53 -0.68
CA ILE D 93 -0.72 24.24 -0.47
C ILE D 93 -0.38 25.63 0.00
N GLU D 94 -0.92 26.64 -0.68
CA GLU D 94 -0.66 28.05 -0.42
C GLU D 94 -1.89 28.65 0.24
N PHE D 95 -1.64 29.55 1.20
CA PHE D 95 -2.69 30.22 1.96
C PHE D 95 -2.55 31.73 1.94
N SER D 96 -3.65 32.39 2.28
CA SER D 96 -3.69 33.85 2.37
C SER D 96 -3.02 34.35 3.65
N THR D 97 -2.81 33.47 4.65
CA THR D 97 -2.16 33.88 5.90
C THR D 97 -0.99 32.95 6.23
N GLU D 98 -0.13 33.39 7.15
CA GLU D 98 0.96 32.51 7.63
C GLU D 98 0.45 31.23 8.26
N VAL D 99 1.15 30.14 7.99
CA VAL D 99 0.88 28.87 8.64
C VAL D 99 1.58 28.78 9.99
N LYS D 100 0.81 28.48 11.04
CA LYS D 100 1.39 28.35 12.37
C LYS D 100 1.76 26.91 12.73
N ALA D 101 1.01 25.92 12.26
CA ALA D 101 1.40 24.52 12.45
C ALA D 101 0.72 23.63 11.44
N VAL D 102 1.28 22.43 11.26
CA VAL D 102 0.66 21.37 10.48
C VAL D 102 0.56 20.11 11.33
N LYS D 103 -0.53 19.38 11.14
CA LYS D 103 -0.72 18.05 11.73
C LYS D 103 -1.08 17.08 10.61
N LEU D 104 -0.43 15.93 10.59
CA LEU D 104 -0.63 14.94 9.55
C LEU D 104 -1.27 13.65 10.07
N ARG D 105 -2.22 13.13 9.33
CA ARG D 105 -2.60 11.72 9.39
C ARG D 105 -2.41 11.18 7.98
N ARG D 106 -2.53 9.87 7.83
CA ARG D 106 -2.37 9.27 6.51
C ARG D 106 -3.32 9.80 5.42
N ASP D 107 -4.48 10.34 5.77
CA ASP D 107 -5.47 10.70 4.76
C ASP D 107 -5.85 12.18 4.78
N ARG D 108 -5.33 12.95 5.72
CA ARG D 108 -5.71 14.34 5.92
C ARG D 108 -4.45 15.14 6.19
N ILE D 109 -4.38 16.33 5.60
CA ILE D 109 -3.49 17.40 6.02
C ILE D 109 -4.31 18.45 6.74
N VAL D 110 -3.93 18.73 7.98
CA VAL D 110 -4.55 19.76 8.80
C VAL D 110 -3.56 20.91 8.98
N VAL D 111 -3.98 22.09 8.55
CA VAL D 111 -3.14 23.26 8.65
C VAL D 111 -3.68 24.20 9.69
N VAL D 112 -2.80 24.74 10.51
CA VAL D 112 -3.23 25.61 11.57
C VAL D 112 -2.81 27.03 11.29
N LEU D 113 -3.78 27.92 11.28
CA LEU D 113 -3.50 29.30 11.05
C LEU D 113 -3.85 30.03 12.32
N ASP D 114 -3.62 31.32 12.35
CA ASP D 114 -3.86 32.12 13.55
C ASP D 114 -5.30 32.13 13.96
N SER D 115 -6.20 32.14 13.00
CA SER D 115 -7.60 32.28 13.32
C SER D 115 -8.45 31.11 12.95
N MET D 116 -7.89 30.12 12.29
CA MET D 116 -8.71 29.03 11.83
C MET D 116 -7.96 27.75 11.58
N ILE D 117 -8.68 26.66 11.44
CA ILE D 117 -8.05 25.40 11.12
C ILE D 117 -8.68 24.84 9.85
N LYS D 118 -7.88 24.65 8.82
CA LYS D 118 -8.33 24.13 7.53
C LYS D 118 -7.87 22.69 7.36
N VAL D 119 -8.79 21.82 6.92
CA VAL D 119 -8.50 20.41 6.73
C VAL D 119 -8.53 20.11 5.24
N PHE D 120 -7.50 19.42 4.74
CA PHE D 120 -7.41 19.08 3.33
C PHE D 120 -7.24 17.59 3.11
N THR D 121 -7.64 17.12 1.92
CA THR D 121 -7.27 15.79 1.46
C THR D 121 -5.76 15.70 1.30
N PHE D 122 -5.22 14.53 1.63
CA PHE D 122 -3.81 14.25 1.37
C PHE D 122 -3.74 13.62 -0.03
N THR D 123 -3.88 14.50 -1.02
CA THR D 123 -3.92 14.14 -2.43
C THR D 123 -3.01 15.06 -3.24
N HIS D 124 -2.71 14.68 -4.50
CA HIS D 124 -1.87 15.52 -5.35
C HIS D 124 -2.43 16.94 -5.56
N ASN D 125 -3.75 17.11 -5.59
CA ASN D 125 -4.39 18.42 -5.51
C ASN D 125 -5.25 18.44 -4.26
N PRO D 126 -4.74 18.96 -3.15
CA PRO D 126 -5.53 18.95 -1.91
C PRO D 126 -6.81 19.77 -2.03
N HIS D 127 -7.90 19.18 -1.56
CA HIS D 127 -9.19 19.84 -1.49
C HIS D 127 -9.49 20.18 -0.04
N GLN D 128 -9.94 21.41 0.17
CA GLN D 128 -10.41 21.84 1.48
C GLN D 128 -11.71 21.13 1.84
N LEU D 129 -11.70 20.45 2.98
CA LEU D 129 -12.85 19.71 3.49
C LEU D 129 -13.59 20.52 4.55
N HIS D 130 -12.88 21.10 5.51
CA HIS D 130 -13.49 21.79 6.63
C HIS D 130 -12.70 23.04 6.98
N VAL D 131 -13.40 23.99 7.57
CA VAL D 131 -12.77 25.15 8.20
C VAL D 131 -13.37 25.29 9.57
N PHE D 132 -12.51 25.38 10.58
CA PHE D 132 -12.98 25.64 11.94
C PHE D 132 -12.38 26.96 12.39
N GLU D 133 -13.21 27.85 12.90
CA GLU D 133 -12.74 29.08 13.48
C GLU D 133 -12.18 28.82 14.87
N THR D 134 -11.12 29.55 15.21
CA THR D 134 -10.52 29.51 16.53
C THR D 134 -10.41 30.93 17.06
N CYS D 135 -10.24 31.05 18.38
CA CYS D 135 -9.66 32.27 18.93
C CYS D 135 -8.25 32.50 18.42
N TYR D 136 -7.69 33.67 18.76
CA TYR D 136 -6.31 33.97 18.39
C TYR D 136 -5.38 32.90 18.93
N ASN D 137 -4.72 32.19 18.01
CA ASN D 137 -3.97 30.98 18.30
C ASN D 137 -2.52 31.13 17.86
N PRO D 138 -1.77 32.09 18.40
CA PRO D 138 -0.42 32.32 17.88
C PRO D 138 0.52 31.15 18.13
N LYS D 139 0.26 30.31 19.13
CA LYS D 139 1.11 29.14 19.37
C LYS D 139 0.76 27.97 18.44
N GLY D 140 -0.30 28.07 17.65
CA GLY D 140 -0.72 26.97 16.79
C GLY D 140 -1.17 25.70 17.50
N LEU D 141 -1.81 25.85 18.66
CA LEU D 141 -2.27 24.71 19.46
C LEU D 141 -3.32 23.90 18.70
N CYS D 142 -3.00 22.65 18.40
CA CYS D 142 -3.90 21.72 17.71
C CYS D 142 -3.36 20.30 17.83
N VAL D 143 -4.20 19.33 18.17
CA VAL D 143 -3.76 17.94 18.14
C VAL D 143 -4.71 17.11 17.30
N LEU D 144 -4.15 16.17 16.52
CA LEU D 144 -4.92 15.34 15.59
C LEU D 144 -4.62 13.87 15.83
N CYS D 145 -5.63 13.05 16.12
CA CYS D 145 -5.32 11.66 16.41
C CYS D 145 -4.75 11.00 15.14
N PRO D 146 -3.57 10.39 15.22
CA PRO D 146 -3.01 9.75 14.00
C PRO D 146 -3.58 8.38 13.70
N ASN D 147 -4.22 7.74 14.70
CA ASN D 147 -4.83 6.41 14.60
C ASN D 147 -5.94 6.30 13.57
N SER D 148 -5.92 5.16 12.85
CA SER D 148 -6.90 4.92 11.79
C SER D 148 -8.32 4.82 12.37
N ASN D 149 -8.47 4.38 13.62
CA ASN D 149 -9.82 4.22 14.13
C ASN D 149 -10.30 5.45 14.90
N ASN D 150 -9.45 6.46 15.10
CA ASN D 150 -9.87 7.70 15.76
C ASN D 150 -9.41 8.92 14.95
N SER D 151 -10.34 9.64 14.33
CA SER D 151 -10.06 10.84 13.53
C SER D 151 -10.20 12.14 14.31
N LEU D 152 -10.06 12.11 15.64
CA LEU D 152 -10.20 13.29 16.48
C LEU D 152 -9.27 14.46 16.16
N LEU D 153 -9.88 15.63 15.90
CA LEU D 153 -9.22 16.94 15.80
C LEU D 153 -9.63 17.77 17.02
N ALA D 154 -8.66 18.33 17.74
CA ALA D 154 -8.93 19.17 18.92
C ALA D 154 -8.20 20.51 18.84
N PHE D 155 -8.85 21.62 19.17
CA PHE D 155 -8.22 22.93 18.99
C PHE D 155 -8.90 23.94 19.91
N PRO D 156 -8.27 25.11 20.14
CA PRO D 156 -8.92 26.19 20.90
C PRO D 156 -10.22 26.67 20.28
N GLY D 157 -11.28 26.65 21.08
CA GLY D 157 -12.53 27.20 20.60
C GLY D 157 -12.49 28.72 20.47
N THR D 158 -13.62 29.28 20.07
CA THR D 158 -13.75 30.72 19.98
C THR D 158 -13.84 31.42 21.33
N HIS D 159 -14.26 30.71 22.38
CA HIS D 159 -14.26 31.25 23.74
C HIS D 159 -12.98 30.92 24.48
N THR D 160 -12.47 31.90 25.21
CA THR D 160 -11.26 31.72 26.01
C THR D 160 -11.40 30.52 26.94
N GLY D 161 -10.38 29.66 26.90
CA GLY D 161 -10.27 28.50 27.75
C GLY D 161 -11.09 27.31 27.29
N HIS D 162 -11.89 27.44 26.23
CA HIS D 162 -12.62 26.31 25.68
C HIS D 162 -11.78 25.54 24.67
N VAL D 163 -11.96 24.22 24.65
CA VAL D 163 -11.45 23.33 23.61
C VAL D 163 -12.63 22.79 22.82
N GLN D 164 -12.58 22.94 21.50
CA GLN D 164 -13.57 22.34 20.63
C GLN D 164 -13.01 21.02 20.11
N LEU D 165 -13.81 19.96 20.19
CA LEU D 165 -13.43 18.64 19.70
C LEU D 165 -14.34 18.21 18.55
N VAL D 166 -13.74 17.82 17.44
CA VAL D 166 -14.44 17.37 16.24
C VAL D 166 -13.89 16.01 15.83
N ASP D 167 -14.79 15.05 15.58
CA ASP D 167 -14.46 13.80 14.91
C ASP D 167 -14.50 14.00 13.40
N LEU D 168 -13.33 13.93 12.75
CA LEU D 168 -13.26 14.11 11.30
C LEU D 168 -13.92 12.99 10.50
N ALA D 169 -14.34 11.89 11.11
CA ALA D 169 -15.12 10.91 10.38
C ALA D 169 -16.64 11.12 10.46
N SER D 170 -17.12 11.95 11.37
CA SER D 170 -18.55 12.19 11.60
C SER D 170 -18.84 13.69 11.80
N THR D 171 -18.37 14.52 10.87
CA THR D 171 -18.45 15.98 11.01
C THR D 171 -19.88 16.53 10.97
N GLU D 172 -20.88 15.72 10.60
CA GLU D 172 -22.27 16.15 10.73
C GLU D 172 -22.75 16.27 12.17
N LYS D 173 -22.08 15.59 13.09
CA LYS D 173 -22.37 15.70 14.51
C LYS D 173 -21.87 17.02 15.09
N PRO D 174 -22.62 17.63 16.00
CA PRO D 174 -22.13 18.82 16.71
C PRO D 174 -20.82 18.55 17.43
N PRO D 175 -19.89 19.49 17.39
CA PRO D 175 -18.65 19.34 18.16
C PRO D 175 -18.89 19.34 19.66
N VAL D 176 -18.02 18.63 20.37
CA VAL D 176 -17.94 18.73 21.83
C VAL D 176 -17.11 19.95 22.21
N ASP D 177 -17.71 20.84 23.00
CA ASP D 177 -17.08 22.03 23.54
C ASP D 177 -16.81 21.83 25.02
N ILE D 178 -15.53 21.91 25.41
CA ILE D 178 -15.09 21.66 26.77
C ILE D 178 -14.67 22.99 27.37
N PRO D 179 -15.37 23.49 28.39
CA PRO D 179 -14.88 24.66 29.12
C PRO D 179 -13.69 24.31 30.01
N ALA D 180 -12.51 24.14 29.41
CA ALA D 180 -11.38 23.51 30.11
C ALA D 180 -10.74 24.43 31.14
N HIS D 181 -10.64 25.74 30.86
CA HIS D 181 -10.02 26.66 31.80
C HIS D 181 -10.71 28.01 31.72
N GLU D 182 -10.53 28.78 32.79
CA GLU D 182 -11.02 30.15 32.84
C GLU D 182 -10.14 31.10 32.03
N GLY D 183 -8.90 30.71 31.72
CA GLY D 183 -7.97 31.57 31.02
C GLY D 183 -7.52 30.99 29.69
N VAL D 184 -6.78 31.82 28.94
CA VAL D 184 -6.26 31.42 27.63
C VAL D 184 -5.52 30.09 27.73
N LEU D 185 -5.78 29.22 26.76
CA LEU D 185 -5.09 27.93 26.70
C LEU D 185 -3.62 28.08 26.34
N SER D 186 -2.77 27.31 27.01
CA SER D 186 -1.35 27.32 26.70
C SER D 186 -0.85 26.02 26.10
N CYS D 187 -1.47 24.90 26.41
CA CYS D 187 -0.98 23.63 25.91
C CYS D 187 -2.11 22.63 25.81
N ILE D 188 -2.06 21.78 24.77
CA ILE D 188 -3.03 20.70 24.57
C ILE D 188 -2.26 19.46 24.13
N ALA D 189 -2.62 18.31 24.69
CA ALA D 189 -2.00 17.04 24.33
C ALA D 189 -3.01 15.90 24.35
N LEU D 190 -2.94 15.04 23.33
CA LEU D 190 -3.68 13.78 23.30
C LEU D 190 -2.78 12.63 23.74
N ASN D 191 -3.40 11.62 24.34
CA ASN D 191 -2.74 10.33 24.44
C ASN D 191 -2.72 9.63 23.08
N LEU D 192 -1.86 8.61 22.98
CA LEU D 192 -1.70 7.87 21.73
C LEU D 192 -3.01 7.26 21.25
N GLN D 193 -3.89 6.88 22.17
CA GLN D 193 -5.16 6.28 21.78
C GLN D 193 -6.21 7.30 21.37
N GLY D 194 -5.95 8.59 21.60
CA GLY D 194 -6.92 9.65 21.33
C GLY D 194 -8.18 9.60 22.14
N THR D 195 -8.12 8.96 23.30
CA THR D 195 -9.21 8.86 24.26
C THR D 195 -9.13 9.89 25.36
N ARG D 196 -7.96 10.51 25.57
CA ARG D 196 -7.75 11.51 26.60
C ARG D 196 -7.09 12.74 26.03
N ILE D 197 -7.49 13.90 26.54
CA ILE D 197 -6.90 15.18 26.18
C ILE D 197 -6.46 15.88 27.46
N ALA D 198 -5.20 16.30 27.50
CA ALA D 198 -4.64 17.09 28.58
C ALA D 198 -4.57 18.57 28.20
N THR D 199 -4.89 19.45 29.14
CA THR D 199 -4.96 20.88 28.88
C THR D 199 -4.33 21.69 30.00
N ALA D 200 -3.78 22.85 29.65
CA ALA D 200 -3.34 23.85 30.61
C ALA D 200 -3.71 25.25 30.15
N SER D 201 -3.95 26.14 31.11
CA SER D 201 -4.08 27.57 30.83
C SER D 201 -2.75 28.31 31.03
N GLU D 202 -2.76 29.60 30.67
CA GLU D 202 -1.61 30.48 30.92
C GLU D 202 -1.30 30.65 32.41
N LYS D 203 -2.27 30.38 33.29
CA LYS D 203 -1.96 30.31 34.72
C LYS D 203 -1.03 29.15 35.02
N GLY D 204 -1.16 28.07 34.25
CA GLY D 204 -0.28 26.93 34.37
C GLY D 204 -0.21 26.30 35.75
N THR D 205 -1.18 26.60 36.65
CA THR D 205 -1.18 25.96 37.96
C THR D 205 -1.83 24.58 37.91
N LEU D 206 -2.75 24.37 36.97
CA LEU D 206 -3.51 23.12 36.86
C LEU D 206 -3.44 22.53 35.46
N ILE D 207 -3.29 21.21 35.39
CA ILE D 207 -3.46 20.42 34.17
C ILE D 207 -4.70 19.54 34.34
N ARG D 208 -5.61 19.63 33.36
CA ARG D 208 -6.87 18.92 33.38
C ARG D 208 -6.93 17.93 32.23
N ILE D 209 -7.29 16.69 32.52
CA ILE D 209 -7.43 15.62 31.53
C ILE D 209 -8.92 15.31 31.35
N PHE D 210 -9.36 15.33 30.09
CA PHE D 210 -10.75 15.07 29.73
C PHE D 210 -10.87 13.84 28.85
N ASP D 211 -12.03 13.22 28.93
CA ASP D 211 -12.46 12.23 27.95
C ASP D 211 -12.82 12.93 26.65
N THR D 212 -12.27 12.43 25.55
CA THR D 212 -12.49 13.09 24.27
C THR D 212 -13.86 12.78 23.70
N SER D 213 -14.52 11.71 24.16
CA SER D 213 -15.85 11.38 23.63
C SER D 213 -16.96 12.15 24.35
N SER D 214 -16.88 12.29 25.66
CA SER D 214 -17.91 12.98 26.44
C SER D 214 -17.52 14.38 26.88
N GLY D 215 -16.25 14.75 26.78
CA GLY D 215 -15.76 16.00 27.32
C GLY D 215 -15.71 16.09 28.84
N HIS D 216 -15.96 14.99 29.55
CA HIS D 216 -16.00 15.03 31.01
C HIS D 216 -14.59 15.06 31.59
N LEU D 217 -14.42 15.82 32.66
CA LEU D 217 -13.16 15.84 33.39
C LEU D 217 -12.89 14.50 34.08
N ILE D 218 -11.79 13.87 33.72
CA ILE D 218 -11.33 12.63 34.34
C ILE D 218 -10.38 12.89 35.51
N GLN D 219 -9.40 13.78 35.27
CA GLN D 219 -8.42 14.06 36.30
C GLN D 219 -7.86 15.46 36.30
N GLU D 220 -7.87 16.10 37.45
CA GLU D 220 -7.24 17.40 37.64
C GLU D 220 -5.97 17.29 38.46
N LEU D 221 -4.86 17.74 37.90
CA LEU D 221 -3.54 17.59 38.48
C LEU D 221 -3.01 18.99 38.74
N ARG D 222 -2.61 19.24 39.99
CA ARG D 222 -2.05 20.58 40.34
C ARG D 222 -0.51 20.60 40.31
N ARG D 223 0.00 21.32 39.33
CA ARG D 223 1.45 21.42 39.27
C ARG D 223 2.01 22.32 40.38
N GLY D 224 1.34 23.43 40.67
CA GLY D 224 1.77 24.24 41.80
C GLY D 224 0.80 25.37 42.06
N SER D 225 1.15 26.19 43.04
CA SER D 225 0.37 27.37 43.38
C SER D 225 0.74 28.59 42.54
N GLN D 226 2.03 28.74 42.25
CA GLN D 226 2.54 29.85 41.46
C GLN D 226 2.33 29.61 39.96
N ALA D 227 2.13 30.72 39.23
CA ALA D 227 2.00 30.66 37.78
C ALA D 227 3.26 30.12 37.11
N ALA D 228 3.06 29.45 35.98
CA ALA D 228 4.14 28.88 35.20
C ALA D 228 3.72 28.83 33.75
N ASN D 229 4.64 29.18 32.84
CA ASN D 229 4.40 28.92 31.43
C ASN D 229 4.60 27.44 31.13
N ILE D 230 3.53 26.74 30.79
CA ILE D 230 3.62 25.33 30.42
C ILE D 230 4.03 25.25 28.95
N TYR D 231 5.17 24.61 28.69
CA TYR D 231 5.71 24.44 27.33
C TYR D 231 5.21 23.17 26.62
N CYS D 232 5.05 22.06 27.35
CA CYS D 232 4.76 20.77 26.74
C CYS D 232 4.06 19.85 27.73
N ILE D 233 3.14 19.04 27.18
CA ILE D 233 2.52 17.90 27.88
C ILE D 233 2.56 16.65 26.99
N ASN D 234 2.99 15.51 27.55
CA ASN D 234 2.88 14.27 26.81
C ASN D 234 2.45 13.14 27.73
N PHE D 235 1.63 12.24 27.19
CA PHE D 235 1.28 10.97 27.83
C PHE D 235 2.36 9.92 27.56
N ASN D 236 2.47 8.96 28.48
CA ASN D 236 3.16 7.71 28.17
C ASN D 236 2.27 6.78 27.32
N GLN D 237 2.84 5.64 26.90
CA GLN D 237 2.20 4.76 25.92
C GLN D 237 0.84 4.23 26.38
N ASP D 238 0.71 3.86 27.66
CA ASP D 238 -0.53 3.35 28.24
C ASP D 238 -1.42 4.46 28.83
N ALA D 239 -0.99 5.72 28.72
CA ALA D 239 -1.64 6.89 29.29
C ALA D 239 -1.73 6.85 30.81
N SER D 240 -0.96 5.97 31.48
CA SER D 240 -0.94 5.97 32.94
C SER D 240 -0.13 7.14 33.49
N LEU D 241 0.79 7.71 32.72
CA LEU D 241 1.61 8.83 33.19
C LEU D 241 1.57 9.96 32.18
N ILE D 242 1.75 11.19 32.68
CA ILE D 242 2.06 12.36 31.86
C ILE D 242 3.30 13.07 32.36
N CYS D 243 4.05 13.62 31.40
CA CYS D 243 5.16 14.54 31.64
C CYS D 243 4.75 15.95 31.21
N VAL D 244 5.24 16.93 31.98
CA VAL D 244 4.91 18.34 31.92
C VAL D 244 6.18 19.17 32.06
N SER D 245 6.45 20.00 31.07
CA SER D 245 7.56 20.95 31.06
C SER D 245 7.03 22.33 31.43
N SER D 246 7.90 23.11 32.07
CA SER D 246 7.58 24.44 32.53
C SER D 246 8.76 25.34 32.30
N ASP D 247 8.55 26.60 32.60
CA ASP D 247 9.62 27.58 32.50
C ASP D 247 10.75 27.20 33.43
N HIS D 248 11.96 27.59 33.01
CA HIS D 248 13.16 27.45 33.82
C HIS D 248 13.59 26.01 33.61
N GLY D 249 12.92 25.32 32.69
CA GLY D 249 13.14 23.94 32.36
C GLY D 249 12.78 22.87 33.37
N THR D 250 11.85 23.12 34.30
CA THR D 250 11.54 22.01 35.18
C THR D 250 10.67 21.04 34.40
N VAL D 251 10.79 19.75 34.69
CA VAL D 251 9.85 18.74 34.22
C VAL D 251 9.13 18.08 35.39
N HIS D 252 7.80 18.08 35.37
CA HIS D 252 6.98 17.42 36.38
C HIS D 252 6.45 16.09 35.83
N ILE D 253 6.38 15.04 36.66
CA ILE D 253 5.85 13.73 36.25
C ILE D 253 4.67 13.36 37.15
N PHE D 254 3.52 13.14 36.51
CA PHE D 254 2.30 12.85 37.29
C PHE D 254 1.73 11.51 36.84
N ALA D 255 0.79 10.97 37.61
CA ALA D 255 0.10 9.73 37.21
C ALA D 255 -1.32 10.11 36.81
N ALA D 256 -1.70 9.81 35.58
CA ALA D 256 -3.02 10.14 35.10
C ALA D 256 -3.95 8.99 35.33
N GLU D 257 -5.23 9.27 35.39
CA GLU D 257 -6.22 8.20 35.54
C GLU D 257 -6.07 7.40 36.82
N ASP D 258 -5.28 7.89 37.76
CA ASP D 258 -5.19 7.19 39.04
C ASP D 258 -5.72 8.06 40.16
N PRO D 259 -6.73 7.57 40.86
CA PRO D 259 -7.30 8.32 41.97
C PRO D 259 -6.26 8.57 43.03
N LYS D 260 -5.11 7.95 42.88
CA LYS D 260 -4.08 8.07 43.88
C LYS D 260 -3.10 9.11 43.47
N SER D 261 -3.51 9.98 42.57
CA SER D 261 -2.62 11.02 42.12
C SER D 261 -3.26 12.39 42.11
N LYS D 262 -2.50 13.42 42.43
CA LYS D 262 -2.99 14.76 42.36
C LYS D 262 -1.79 15.63 42.15
N TRP D 263 -0.65 15.19 42.64
CA TRP D 263 0.56 15.97 42.53
C TRP D 263 1.66 15.17 41.90
N SER D 264 2.80 15.82 41.69
CA SER D 264 3.90 15.16 41.05
C SER D 264 4.60 14.16 41.95
N PHE D 265 4.84 12.96 41.45
CA PHE D 265 5.57 11.97 42.21
C PHE D 265 7.01 12.21 41.94
N SER D 266 7.31 12.78 40.80
CA SER D 266 8.69 13.15 40.48
C SER D 266 8.83 14.43 39.68
N LYS D 267 9.98 15.09 39.84
CA LYS D 267 10.27 16.20 38.94
C LYS D 267 11.78 16.44 38.93
N PHE D 268 12.31 16.96 37.81
CA PHE D 268 13.68 17.45 37.81
C PHE D 268 13.75 18.80 37.11
N GLN D 269 14.76 19.61 37.48
CA GLN D 269 15.10 20.84 36.78
C GLN D 269 16.20 20.61 35.73
N VAL D 270 16.00 21.18 34.56
CA VAL D 270 17.07 21.19 33.59
C VAL D 270 18.13 22.21 34.00
N PRO D 271 19.35 21.75 34.27
CA PRO D 271 20.40 22.60 34.88
C PRO D 271 20.69 23.86 34.09
N SER D 272 20.58 23.82 32.75
CA SER D 272 20.80 25.02 31.99
C SER D 272 19.60 25.95 32.08
N GLY D 273 18.47 25.46 32.59
CA GLY D 273 17.21 26.15 32.61
C GLY D 273 16.53 26.50 31.31
N SER D 274 17.08 26.09 30.18
CA SER D 274 16.43 26.45 28.94
C SER D 274 15.09 25.73 28.81
N PRO D 275 14.11 26.40 28.19
CA PRO D 275 12.84 25.76 27.83
C PRO D 275 13.02 24.46 27.07
N CYS D 276 12.20 23.46 27.39
CA CYS D 276 12.34 22.17 26.74
C CYS D 276 10.97 21.55 26.52
N ILE D 277 10.88 20.70 25.48
CA ILE D 277 9.78 19.75 25.35
C ILE D 277 10.25 18.43 25.94
N CYS D 278 9.28 17.69 26.46
CA CYS D 278 9.50 16.40 27.08
C CYS D 278 8.57 15.28 26.60
N ALA D 279 9.11 14.05 26.63
CA ALA D 279 8.36 12.84 26.37
C ALA D 279 8.96 11.70 27.17
N PHE D 280 8.21 10.60 27.28
CA PHE D 280 8.70 9.37 27.90
C PHE D 280 9.61 8.58 26.97
N GLY D 281 10.62 7.94 27.56
CA GLY D 281 11.50 7.05 26.82
C GLY D 281 10.94 5.66 26.58
N THR D 282 11.82 4.78 26.10
CA THR D 282 11.46 3.38 25.89
C THR D 282 11.24 2.61 27.19
N GLU D 283 12.01 2.93 28.25
CA GLU D 283 11.75 2.36 29.58
C GLU D 283 10.55 3.03 30.23
N PRO D 284 9.68 2.25 30.86
CA PRO D 284 8.47 2.83 31.46
C PRO D 284 8.75 3.91 32.48
N ASN D 285 9.95 3.94 33.03
CA ASN D 285 10.37 4.94 34.00
C ASN D 285 11.39 5.94 33.45
N ALA D 286 11.55 5.99 32.12
CA ALA D 286 12.40 6.97 31.44
C ALA D 286 11.56 8.16 30.96
N VAL D 287 12.09 9.36 31.18
CA VAL D 287 11.57 10.61 30.61
C VAL D 287 12.69 11.36 29.88
N ILE D 288 12.39 11.89 28.68
CA ILE D 288 13.38 12.54 27.84
C ILE D 288 13.06 14.03 27.78
N ALA D 289 14.10 14.88 27.86
CA ALA D 289 13.93 16.33 27.70
C ALA D 289 14.83 16.87 26.61
N ILE D 290 14.23 17.53 25.61
CA ILE D 290 14.93 18.22 24.53
C ILE D 290 14.79 19.73 24.67
N CYS D 291 15.91 20.43 24.89
CA CYS D 291 15.94 21.84 25.29
C CYS D 291 16.34 22.72 24.11
N ALA D 292 15.93 23.99 24.16
CA ALA D 292 16.17 24.93 23.06
C ALA D 292 17.65 25.25 22.89
N ASP D 293 18.45 25.11 23.96
CA ASP D 293 19.88 25.29 23.84
C ASP D 293 20.58 24.15 23.12
N GLY D 294 19.89 23.06 22.77
CA GLY D 294 20.51 21.90 22.17
C GLY D 294 20.86 20.77 23.12
N SER D 295 20.53 20.89 24.40
CA SER D 295 20.76 19.82 25.36
C SER D 295 19.70 18.74 25.22
N TYR D 296 20.14 17.49 25.24
CA TYR D 296 19.29 16.33 25.39
C TYR D 296 19.51 15.74 26.78
N TYR D 297 18.43 15.42 27.49
CA TYR D 297 18.53 14.70 28.75
C TYR D 297 17.60 13.50 28.76
N LYS D 298 18.10 12.37 29.26
CA LYS D 298 17.27 11.26 29.66
C LYS D 298 17.35 11.11 31.17
N PHE D 299 16.18 11.11 31.84
CA PHE D 299 16.11 10.86 33.26
C PHE D 299 15.32 9.60 33.58
N LEU D 300 15.86 8.82 34.52
CA LEU D 300 15.15 7.71 35.15
C LEU D 300 14.70 8.12 36.54
N PHE D 301 13.45 7.85 36.84
CA PHE D 301 12.87 8.04 38.17
C PHE D 301 12.61 6.69 38.84
N ASN D 302 12.48 6.75 40.17
CA ASN D 302 12.15 5.63 41.04
C ASN D 302 10.83 5.83 41.79
N PRO D 303 10.32 4.81 42.47
CA PRO D 303 9.05 4.98 43.21
C PRO D 303 9.08 6.05 44.29
N LYS D 304 10.24 6.41 44.82
CA LYS D 304 10.33 7.51 45.78
C LYS D 304 10.28 8.89 45.11
N GLY D 305 10.33 8.95 43.79
CA GLY D 305 10.28 10.20 43.05
C GLY D 305 11.64 10.83 42.84
N GLU D 306 12.70 10.12 43.21
CA GLU D 306 14.07 10.53 42.92
C GLU D 306 14.34 10.34 41.44
N CYS D 307 15.09 11.26 40.86
CA CYS D 307 15.46 11.15 39.46
C CYS D 307 16.97 11.02 39.36
N ILE D 308 17.39 10.11 38.49
CA ILE D 308 18.79 9.97 38.12
C ILE D 308 18.89 10.20 36.62
N ARG D 309 19.99 10.84 36.24
CA ARG D 309 20.38 11.04 34.85
C ARG D 309 21.05 9.82 34.24
N ASP D 310 20.49 9.32 33.15
CA ASP D 310 21.05 8.19 32.46
C ASP D 310 21.92 8.67 31.31
N VAL D 311 21.37 9.53 30.46
CA VAL D 311 22.02 10.11 29.28
C VAL D 311 21.99 11.63 29.28
N TYR D 312 23.06 12.22 28.75
CA TYR D 312 23.09 13.64 28.37
C TYR D 312 23.83 13.75 27.05
N ALA D 313 23.28 14.56 26.13
CA ALA D 313 23.96 14.87 24.88
C ALA D 313 23.55 16.24 24.33
N GLN D 314 24.41 16.83 23.50
CA GLN D 314 23.99 17.90 22.60
C GLN D 314 23.66 17.26 21.25
N PHE D 315 22.35 17.15 20.97
CA PHE D 315 21.92 16.43 19.78
C PHE D 315 22.29 17.15 18.49
N LEU D 316 22.47 18.47 18.54
CA LEU D 316 22.77 19.23 17.33
C LEU D 316 24.18 18.97 16.81
N GLU D 317 25.03 18.27 17.55
CA GLU D 317 26.41 18.00 17.14
C GLU D 317 26.58 16.49 16.95
N MET D 318 26.21 16.00 15.77
CA MET D 318 26.23 14.56 15.48
C MET D 318 26.42 14.29 13.99
#